data_5OUG
#
_entry.id   5OUG
#
_cell.length_a   68.673
_cell.length_b   119.806
_cell.length_c   84.543
_cell.angle_alpha   90.000
_cell.angle_beta   107.290
_cell.angle_gamma   90.000
#
_symmetry.space_group_name_H-M   'P 1 21 1'
#
loop_
_entity.id
_entity.type
_entity.pdbx_description
1 polymer 'Humanized alpha-AChBP'
2 branched 2-acetamido-2-deoxy-beta-D-glucopyranose-(1-4)-2-acetamido-2-deoxy-beta-D-glucopyranose
3 branched alpha-D-mannopyranose-(1-3)-[alpha-D-mannopyranose-(1-6)]beta-D-mannopyranose-(1-4)-2-acetamido-2-deoxy-beta-D-glucopyranose-(1-4)-2-acetamido-2-deoxy-beta-D-glucopyranose
4 branched beta-D-mannopyranose-(1-4)-2-acetamido-2-deoxy-beta-D-glucopyranose-(1-4)-2-acetamido-2-deoxy-beta-D-glucopyranose
5 non-polymer Alpha-Lobeline
6 non-polymer 4,5-dibromo-N-(3-hydroxypropyl)-1H-pyrrole-2-carboxamide
7 non-polymer 'DIMETHYL SULFOXIDE'
8 water water
#
_entity_poly.entity_id   1
_entity_poly.type   'polypeptide(L)'
_entity_poly.pdbx_seq_one_letter_code
;GEFQRKLYKELVKNYNPDVIPTQRDRPVTVYFSLSLLQIMDVDEKNQVVDVVIWLQMSWTDHYLQWNVSEYPGVKQVSVP
ISSLWKPDILLYNAIERPEVLTPQLALVNSSGHVQYLPSIRQRFSCDVSGVDTESGATCKLKFGSWTHHSRELDLQMQEA
DISGYIPYSRFELVGVTQKRSERFYECCKEPYPDVTFTVTFRKKG
;
_entity_poly.pdbx_strand_id   A,B,C,D,E
#
# COMPACT_ATOMS: atom_id res chain seq x y z
N GLY A 1 25.79 -5.50 18.53
CA GLY A 1 26.52 -6.28 19.57
C GLY A 1 26.30 -7.77 19.41
N GLU A 2 27.32 -8.57 19.79
CA GLU A 2 27.33 -10.03 19.54
C GLU A 2 26.31 -10.80 20.38
N PHE A 3 26.17 -10.41 21.63
CA PHE A 3 25.15 -11.00 22.50
C PHE A 3 23.74 -10.58 22.05
N GLN A 4 23.60 -9.34 21.55
CA GLN A 4 22.31 -8.93 20.95
C GLN A 4 21.88 -9.80 19.77
N ARG A 5 22.82 -10.09 18.88
CA ARG A 5 22.53 -10.94 17.71
C ARG A 5 22.09 -12.32 18.14
N LYS A 6 22.76 -12.93 19.11
CA LYS A 6 22.37 -14.26 19.60
C LYS A 6 20.97 -14.19 20.25
N LEU A 7 20.73 -13.11 21.00
CA LEU A 7 19.42 -12.89 21.61
C LEU A 7 18.29 -12.86 20.60
N TYR A 8 18.43 -12.08 19.52
CA TYR A 8 17.40 -12.05 18.45
C TYR A 8 17.22 -13.40 17.77
N LYS A 9 18.30 -14.16 17.62
CA LYS A 9 18.23 -15.43 16.91
C LYS A 9 17.26 -16.36 17.65
N GLU A 10 17.30 -16.32 18.98
CA GLU A 10 16.38 -17.10 19.82
C GLU A 10 14.86 -16.75 19.70
N LEU A 11 14.49 -15.50 19.43
CA LEU A 11 13.08 -15.13 19.14
C LEU A 11 12.53 -15.93 17.98
N VAL A 12 13.04 -15.67 16.77
CA VAL A 12 12.61 -16.38 15.55
C VAL A 12 12.50 -17.93 15.78
N LYS A 13 13.36 -18.49 16.66
CA LYS A 13 13.35 -19.94 16.91
C LYS A 13 12.05 -20.43 17.54
N ASN A 14 11.65 -19.84 18.65
CA ASN A 14 10.65 -20.45 19.52
C ASN A 14 9.32 -19.77 19.64
N TYR A 15 9.17 -18.58 19.06
CA TYR A 15 8.16 -17.64 19.46
C TYR A 15 7.10 -17.50 18.38
N ASN A 16 5.84 -17.45 18.77
CA ASN A 16 4.75 -17.22 17.84
C ASN A 16 4.00 -15.94 18.22
N PRO A 17 4.08 -14.90 17.40
CA PRO A 17 3.43 -13.62 17.76
C PRO A 17 1.92 -13.63 17.66
N ASP A 18 1.33 -14.71 17.15
CA ASP A 18 -0.11 -14.83 17.13
C ASP A 18 -0.70 -15.30 18.49
N VAL A 19 0.12 -15.81 19.40
CA VAL A 19 -0.40 -16.38 20.65
C VAL A 19 -0.24 -15.41 21.81
N ILE A 20 -1.37 -15.02 22.39
CA ILE A 20 -1.38 -14.16 23.57
C ILE A 20 -0.63 -14.85 24.70
N PRO A 21 0.33 -14.15 25.32
CA PRO A 21 1.22 -14.84 26.28
C PRO A 21 0.64 -14.93 27.69
N THR A 22 -0.56 -15.48 27.82
CA THR A 22 -1.14 -15.84 29.12
C THR A 22 -0.39 -17.04 29.64
N GLN A 23 -0.54 -17.28 30.94
CA GLN A 23 0.01 -18.50 31.57
C GLN A 23 -0.84 -18.87 32.76
N ARG A 24 -1.15 -20.16 32.91
CA ARG A 24 -1.87 -20.69 34.11
C ARG A 24 -3.21 -19.94 34.32
N ASP A 25 -4.00 -19.87 33.25
CA ASP A 25 -5.22 -19.03 33.12
C ASP A 25 -5.15 -17.59 33.68
N ARG A 26 -3.95 -17.08 33.96
CA ARG A 26 -3.74 -15.70 34.43
C ARG A 26 -3.83 -14.79 33.18
N PRO A 27 -4.51 -13.64 33.29
CA PRO A 27 -4.50 -12.71 32.15
C PRO A 27 -3.15 -12.06 31.90
N VAL A 28 -3.02 -11.43 30.74
CA VAL A 28 -1.90 -10.57 30.44
C VAL A 28 -2.42 -9.20 30.75
N THR A 29 -1.74 -8.48 31.64
CA THR A 29 -2.17 -7.16 32.00
C THR A 29 -1.54 -6.18 31.01
N VAL A 30 -2.37 -5.36 30.38
CA VAL A 30 -1.90 -4.34 29.48
C VAL A 30 -2.21 -2.95 30.02
N TYR A 31 -1.15 -2.19 30.29
CA TYR A 31 -1.29 -0.82 30.75
C TYR A 31 -1.45 0.08 29.54
N PHE A 32 -2.39 1.00 29.60
CA PHE A 32 -2.80 1.81 28.48
C PHE A 32 -2.99 3.25 28.91
N SER A 33 -2.35 4.18 28.22
CA SER A 33 -2.63 5.62 28.39
C SER A 33 -2.42 6.38 27.10
N LEU A 34 -2.70 7.67 27.14
CA LEU A 34 -2.81 8.48 25.96
C LEU A 34 -2.36 9.87 26.28
N SER A 35 -1.65 10.49 25.32
CA SER A 35 -1.35 11.95 25.31
C SER A 35 -1.87 12.56 23.99
N LEU A 36 -2.73 13.56 24.10
CA LEU A 36 -3.41 14.13 22.96
C LEU A 36 -2.49 15.23 22.52
N LEU A 37 -1.74 14.96 21.47
CA LEU A 37 -0.72 15.88 20.99
C LEU A 37 -1.37 17.02 20.18
N GLN A 38 -2.41 16.69 19.40
CA GLN A 38 -3.05 17.69 18.58
C GLN A 38 -4.47 17.37 18.18
N ILE A 39 -5.28 18.42 18.08
CA ILE A 39 -6.49 18.41 17.32
C ILE A 39 -6.18 19.14 16.03
N MET A 40 -6.15 18.37 14.93
CA MET A 40 -5.78 18.88 13.61
C MET A 40 -6.96 19.58 12.96
N ASP A 41 -8.11 18.96 13.05
CA ASP A 41 -9.33 19.50 12.46
C ASP A 41 -10.58 18.94 13.12
N VAL A 42 -11.66 19.66 12.92
CA VAL A 42 -12.98 19.26 13.32
C VAL A 42 -13.87 19.53 12.14
N ASP A 43 -14.49 18.48 11.59
CA ASP A 43 -15.46 18.57 10.51
C ASP A 43 -16.89 18.62 11.09
N GLU A 44 -17.44 19.82 11.18
CA GLU A 44 -18.75 20.03 11.81
C GLU A 44 -19.90 19.39 11.05
N LYS A 45 -19.83 19.41 9.73
CA LYS A 45 -20.83 18.79 8.85
C LYS A 45 -20.89 17.27 9.02
N ASN A 46 -19.73 16.62 8.98
CA ASN A 46 -19.66 15.14 9.01
C ASN A 46 -19.44 14.52 10.38
N GLN A 47 -19.38 15.36 11.43
CA GLN A 47 -19.25 14.92 12.79
C GLN A 47 -18.01 14.06 12.94
N VAL A 48 -16.88 14.62 12.53
CA VAL A 48 -15.58 13.94 12.59
C VAL A 48 -14.49 14.81 13.22
N VAL A 49 -13.65 14.19 14.04
CA VAL A 49 -12.50 14.84 14.63
C VAL A 49 -11.22 14.18 14.15
N ASP A 50 -10.24 15.02 13.86
CA ASP A 50 -8.95 14.59 13.37
C ASP A 50 -7.92 14.92 14.44
N VAL A 51 -7.29 13.89 15.00
CA VAL A 51 -6.29 14.09 16.05
C VAL A 51 -5.00 13.37 15.77
N VAL A 52 -3.94 13.83 16.44
CA VAL A 52 -2.74 13.04 16.66
C VAL A 52 -2.73 12.67 18.13
N ILE A 53 -2.65 11.36 18.40
CA ILE A 53 -2.57 10.87 19.78
C ILE A 53 -1.36 9.98 19.93
N TRP A 54 -0.68 10.11 21.07
CA TRP A 54 0.43 9.28 21.41
C TRP A 54 -0.05 8.24 22.43
N LEU A 55 -0.10 6.97 22.03
CA LEU A 55 -0.51 5.90 22.91
C LEU A 55 0.67 5.32 23.61
N GLN A 56 0.46 4.91 24.86
CA GLN A 56 1.48 4.21 25.63
C GLN A 56 0.88 2.90 26.08
N MET A 57 1.43 1.80 25.57
CA MET A 57 0.98 0.45 25.93
C MET A 57 2.15 -0.29 26.52
N SER A 58 1.92 -1.06 27.58
CA SER A 58 2.96 -1.94 28.07
C SER A 58 2.37 -3.17 28.71
N TRP A 59 3.10 -4.26 28.57
CA TRP A 59 2.69 -5.55 29.09
C TRP A 59 3.92 -6.43 29.30
N THR A 60 3.75 -7.50 30.05
CA THR A 60 4.79 -8.50 30.19
C THR A 60 4.46 -9.73 29.35
N ASP A 61 5.44 -10.17 28.59
CA ASP A 61 5.36 -11.34 27.78
C ASP A 61 6.39 -12.30 28.37
N HIS A 62 5.94 -13.33 29.10
CA HIS A 62 6.90 -14.22 29.77
C HIS A 62 7.82 -14.95 28.79
N TYR A 63 7.38 -15.14 27.52
CA TYR A 63 8.23 -15.82 26.53
C TYR A 63 9.40 -14.97 26.07
N LEU A 64 9.38 -13.67 26.35
CA LEU A 64 10.45 -12.79 25.93
C LEU A 64 11.54 -12.56 26.99
N GLN A 65 11.50 -13.26 28.12
CA GLN A 65 12.51 -13.02 29.12
C GLN A 65 13.78 -13.83 28.83
N TRP A 66 14.91 -13.31 29.32
CA TRP A 66 16.19 -13.97 29.22
C TRP A 66 17.02 -13.77 30.49
N ASN A 67 18.07 -14.59 30.62
CA ASN A 67 19.00 -14.55 31.75
C ASN A 67 20.05 -13.48 31.50
N VAL A 68 20.07 -12.41 32.29
CA VAL A 68 21.00 -11.29 32.07
C VAL A 68 22.49 -11.73 32.14
N SER A 69 22.79 -12.76 32.93
CA SER A 69 24.17 -13.30 33.02
C SER A 69 24.58 -14.11 31.77
N GLU A 70 23.62 -14.60 31.01
CA GLU A 70 23.86 -15.29 29.73
C GLU A 70 23.91 -14.36 28.49
N TYR A 71 23.45 -13.12 28.65
CA TYR A 71 23.55 -12.10 27.61
C TYR A 71 24.02 -10.81 28.28
N PRO A 72 25.25 -10.83 28.81
CA PRO A 72 25.74 -9.73 29.65
C PRO A 72 25.80 -8.41 28.91
N GLY A 73 25.38 -7.34 29.57
CA GLY A 73 25.31 -6.03 28.96
C GLY A 73 23.98 -5.73 28.31
N VAL A 74 23.22 -6.76 27.92
CA VAL A 74 21.98 -6.56 27.19
C VAL A 74 20.86 -6.37 28.19
N LYS A 75 20.46 -5.11 28.35
CA LYS A 75 19.41 -4.72 29.28
C LYS A 75 18.05 -4.50 28.61
N GLN A 76 18.04 -3.91 27.42
CA GLN A 76 16.83 -3.83 26.63
C GLN A 76 17.12 -3.90 25.14
N VAL A 77 16.18 -4.43 24.36
CA VAL A 77 16.31 -4.50 22.91
C VAL A 77 15.15 -3.82 22.21
N SER A 78 15.45 -3.19 21.09
CA SER A 78 14.51 -2.52 20.23
C SER A 78 14.09 -3.54 19.18
N VAL A 79 12.80 -3.79 19.02
CA VAL A 79 12.31 -4.94 18.26
C VAL A 79 11.13 -4.52 17.41
N PRO A 80 11.03 -5.00 16.16
CA PRO A 80 9.82 -4.67 15.37
C PRO A 80 8.61 -5.23 16.05
N ILE A 81 7.59 -4.40 16.26
CA ILE A 81 6.38 -4.85 16.92
C ILE A 81 5.70 -5.98 16.15
N SER A 82 5.85 -6.01 14.84
CA SER A 82 5.29 -7.13 14.07
C SER A 82 5.86 -8.51 14.42
N SER A 83 7.01 -8.59 15.07
CA SER A 83 7.53 -9.89 15.46
C SER A 83 7.17 -10.30 16.90
N LEU A 84 6.39 -9.47 17.59
CA LEU A 84 5.89 -9.77 18.93
C LEU A 84 4.40 -9.88 18.88
N TRP A 85 3.82 -10.62 19.82
CA TRP A 85 2.41 -10.49 20.11
C TRP A 85 2.15 -9.07 20.53
N LYS A 86 1.07 -8.48 20.04
CA LYS A 86 0.62 -7.18 20.55
C LYS A 86 -0.88 -7.15 20.83
N PRO A 87 -1.30 -6.35 21.81
CA PRO A 87 -2.70 -6.20 22.10
C PRO A 87 -3.47 -5.71 20.89
N ASP A 88 -4.64 -6.28 20.65
CA ASP A 88 -5.49 -5.94 19.51
C ASP A 88 -6.45 -4.83 19.94
N ILE A 89 -5.90 -3.75 20.44
CA ILE A 89 -6.69 -2.69 20.99
C ILE A 89 -7.19 -1.87 19.85
N LEU A 90 -8.44 -1.45 19.92
CA LEU A 90 -9.12 -0.77 18.85
C LEU A 90 -9.74 0.49 19.45
N LEU A 91 -9.71 1.60 18.71
CA LEU A 91 -10.50 2.78 19.04
C LEU A 91 -11.86 2.57 18.44
N TYR A 92 -12.88 2.40 19.28
CA TYR A 92 -14.23 2.07 18.82
C TYR A 92 -14.87 3.13 17.94
N ASN A 93 -14.48 4.38 18.11
CA ASN A 93 -15.11 5.52 17.43
C ASN A 93 -14.51 5.79 16.03
N ALA A 94 -13.46 5.05 15.66
CA ALA A 94 -12.64 5.36 14.47
C ALA A 94 -13.42 5.09 13.21
N ILE A 95 -13.30 6.00 12.27
CA ILE A 95 -14.00 5.84 10.97
C ILE A 95 -13.04 5.64 9.82
N GLU A 96 -11.72 5.63 10.12
CA GLU A 96 -10.65 5.29 9.15
C GLU A 96 -9.60 4.54 9.92
N ARG A 97 -8.72 3.87 9.20
CA ARG A 97 -7.60 3.18 9.84
C ARG A 97 -6.68 4.24 10.44
N PRO A 98 -5.88 3.88 11.42
CA PRO A 98 -4.91 4.84 11.94
C PRO A 98 -3.69 4.96 11.04
N GLU A 99 -3.05 6.12 11.02
CA GLU A 99 -1.79 6.29 10.33
C GLU A 99 -0.71 6.41 11.42
N VAL A 100 0.19 5.45 11.49
CA VAL A 100 1.21 5.41 12.53
C VAL A 100 2.37 6.29 12.09
N LEU A 101 2.69 7.31 12.90
CA LEU A 101 3.72 8.29 12.57
C LEU A 101 5.14 7.91 13.02
N THR A 102 5.25 6.88 13.84
CA THR A 102 6.50 6.55 14.53
C THR A 102 7.00 5.20 14.04
N PRO A 103 8.32 4.97 14.16
CA PRO A 103 8.85 3.65 13.87
C PRO A 103 8.07 2.58 14.62
N GLN A 104 7.87 1.46 13.97
CA GLN A 104 7.03 0.40 14.49
C GLN A 104 7.85 -0.54 15.32
N LEU A 105 8.37 0.00 16.41
CA LEU A 105 9.37 -0.67 17.25
C LEU A 105 8.89 -0.65 18.67
N ALA A 106 9.23 -1.70 19.39
CA ALA A 106 8.93 -1.83 20.82
C ALA A 106 10.21 -2.04 21.57
N LEU A 107 10.25 -1.57 22.82
CA LEU A 107 11.37 -1.85 23.74
C LEU A 107 11.01 -3.05 24.59
N VAL A 108 11.94 -3.96 24.79
CA VAL A 108 11.71 -5.14 25.61
C VAL A 108 12.89 -5.27 26.55
N ASN A 109 12.61 -5.49 27.84
CA ASN A 109 13.68 -5.67 28.82
C ASN A 109 13.82 -7.14 29.16
N SER A 110 14.82 -7.43 29.99
CA SER A 110 15.25 -8.79 30.26
C SER A 110 14.21 -9.66 30.90
N SER A 111 13.26 -9.07 31.65
CA SER A 111 12.15 -9.83 32.22
C SER A 111 10.91 -9.76 31.33
N GLY A 112 11.10 -9.57 30.02
CA GLY A 112 10.02 -9.61 29.07
C GLY A 112 8.97 -8.51 29.17
N HIS A 113 9.28 -7.41 29.82
CA HIS A 113 8.35 -6.27 29.78
C HIS A 113 8.54 -5.48 28.46
N VAL A 114 7.42 -5.26 27.77
CA VAL A 114 7.38 -4.66 26.45
C VAL A 114 6.79 -3.27 26.59
N GLN A 115 7.42 -2.27 25.99
CA GLN A 115 6.86 -0.92 25.84
C GLN A 115 6.65 -0.65 24.37
N TYR A 116 5.43 -0.27 23.99
CA TYR A 116 5.08 0.08 22.63
C TYR A 116 4.34 1.41 22.66
N LEU A 117 4.92 2.43 22.04
CA LEU A 117 4.44 3.80 22.21
C LEU A 117 4.16 4.51 20.89
N PRO A 118 3.24 3.97 20.08
CA PRO A 118 3.00 4.58 18.77
C PRO A 118 2.29 5.93 18.86
N SER A 119 2.74 6.86 18.02
CA SER A 119 1.97 8.09 17.80
C SER A 119 1.12 7.89 16.53
N ILE A 120 -0.19 8.13 16.61
CA ILE A 120 -1.05 7.96 15.47
C ILE A 120 -1.88 9.19 15.11
N ARG A 121 -2.15 9.31 13.82
CA ARG A 121 -3.04 10.28 13.27
C ARG A 121 -4.27 9.46 13.01
N GLN A 122 -5.40 9.95 13.50
CA GLN A 122 -6.63 9.20 13.51
C GLN A 122 -7.84 10.10 13.39
N ARG A 123 -8.77 9.77 12.51
CA ARG A 123 -10.06 10.44 12.42
C ARG A 123 -11.17 9.56 13.02
N PHE A 124 -12.02 10.19 13.84
CA PHE A 124 -13.07 9.44 14.52
C PHE A 124 -14.32 10.23 14.63
N SER A 125 -15.41 9.52 14.93
CA SER A 125 -16.76 10.09 14.93
C SER A 125 -17.05 10.73 16.28
N CYS A 126 -17.63 11.92 16.27
CA CYS A 126 -18.01 12.61 17.50
C CYS A 126 -19.02 13.74 17.21
N ASP A 127 -20.00 13.89 18.10
CA ASP A 127 -20.90 15.02 18.03
C ASP A 127 -20.16 16.29 18.43
N VAL A 128 -19.86 17.13 17.47
CA VAL A 128 -19.04 18.31 17.72
C VAL A 128 -19.83 19.60 17.58
N SER A 129 -21.16 19.52 17.64
CA SER A 129 -21.98 20.73 17.44
C SER A 129 -21.71 21.83 18.50
N GLY A 130 -21.19 21.47 19.68
CA GLY A 130 -20.80 22.47 20.67
C GLY A 130 -19.47 23.20 20.46
N VAL A 131 -18.69 22.84 19.45
CA VAL A 131 -17.29 23.27 19.38
C VAL A 131 -17.06 24.81 19.36
N ASP A 132 -18.02 25.61 18.87
CA ASP A 132 -17.98 27.06 18.95
C ASP A 132 -18.67 27.71 20.13
N THR A 133 -18.77 27.00 21.26
CA THR A 133 -19.40 27.52 22.45
C THR A 133 -18.36 27.57 23.57
N GLU A 134 -18.71 28.28 24.64
CA GLU A 134 -17.88 28.28 25.83
C GLU A 134 -17.69 26.85 26.41
N SER A 135 -18.77 26.05 26.41
CA SER A 135 -18.76 24.67 26.90
C SER A 135 -17.89 23.76 26.05
N GLY A 136 -17.85 24.04 24.75
CA GLY A 136 -17.06 23.26 23.81
C GLY A 136 -17.77 21.99 23.42
N ALA A 137 -17.04 21.09 22.78
CA ALA A 137 -17.51 19.76 22.44
C ALA A 137 -16.78 18.76 23.33
N THR A 138 -17.47 17.70 23.71
CA THR A 138 -16.95 16.64 24.57
C THR A 138 -17.08 15.32 23.78
N CYS A 139 -15.95 14.69 23.48
CA CYS A 139 -15.90 13.43 22.74
C CYS A 139 -15.39 12.30 23.60
N LYS A 140 -15.94 11.11 23.39
CA LYS A 140 -15.46 9.88 24.06
C LYS A 140 -14.57 9.12 23.10
N LEU A 141 -13.39 8.71 23.57
CA LEU A 141 -12.50 7.87 22.82
C LEU A 141 -12.40 6.58 23.59
N LYS A 142 -13.18 5.60 23.18
CA LYS A 142 -13.23 4.31 23.86
C LYS A 142 -12.26 3.31 23.20
N PHE A 143 -11.33 2.78 24.00
CA PHE A 143 -10.36 1.81 23.55
C PHE A 143 -10.57 0.47 24.25
N GLY A 144 -10.38 -0.62 23.50
CA GLY A 144 -10.53 -1.97 24.02
C GLY A 144 -10.05 -3.05 23.07
N SER A 145 -9.80 -4.25 23.60
CA SER A 145 -9.44 -5.41 22.81
C SER A 145 -10.62 -5.78 21.95
N TRP A 146 -10.34 -6.16 20.70
CA TRP A 146 -11.39 -6.60 19.81
C TRP A 146 -11.76 -8.06 20.05
N THR A 147 -10.83 -8.91 20.48
CA THR A 147 -11.08 -10.34 20.58
C THR A 147 -10.84 -11.01 21.93
N HIS A 148 -10.26 -10.30 22.90
CA HIS A 148 -9.88 -10.90 24.17
C HIS A 148 -10.69 -10.29 25.33
N HIS A 149 -11.37 -11.15 26.08
CA HIS A 149 -12.09 -10.76 27.31
C HIS A 149 -11.15 -10.55 28.53
N SER A 150 -11.72 -10.11 29.65
CA SER A 150 -10.95 -9.80 30.87
C SER A 150 -10.05 -10.89 31.44
N ARG A 151 -10.43 -12.16 31.30
CA ARG A 151 -9.61 -13.24 31.83
C ARG A 151 -8.42 -13.59 30.95
N GLU A 152 -8.39 -13.09 29.70
CA GLU A 152 -7.22 -13.23 28.82
C GLU A 152 -6.39 -11.95 28.79
N LEU A 153 -7.04 -10.80 28.63
CA LEU A 153 -6.34 -9.52 28.50
C LEU A 153 -6.96 -8.46 29.41
N ASP A 154 -6.20 -8.11 30.45
CA ASP A 154 -6.69 -7.25 31.52
C ASP A 154 -6.20 -5.87 31.20
N LEU A 155 -7.07 -5.08 30.61
CA LEU A 155 -6.72 -3.72 30.24
C LEU A 155 -6.78 -2.81 31.50
N GLN A 156 -5.68 -2.09 31.75
CA GLN A 156 -5.53 -1.22 32.92
C GLN A 156 -5.05 0.15 32.50
N MET A 157 -5.50 1.15 33.22
CA MET A 157 -5.32 2.54 32.91
C MET A 157 -4.00 2.99 33.52
N GLN A 158 -3.51 4.16 33.10
CA GLN A 158 -2.36 4.83 33.76
C GLN A 158 -2.49 6.34 33.66
N GLU A 159 -1.63 7.05 34.39
CA GLU A 159 -1.64 8.52 34.43
C GLU A 159 -1.38 9.17 33.04
N ALA A 160 -2.35 10.00 32.58
CA ALA A 160 -2.37 10.59 31.23
C ALA A 160 -1.62 11.96 31.14
N ASP A 161 -1.82 12.71 30.05
CA ASP A 161 -1.03 13.93 29.78
C ASP A 161 -1.76 15.05 28.97
N ILE A 162 -1.88 16.24 29.59
CA ILE A 162 -2.22 17.50 28.86
C ILE A 162 -0.92 18.24 28.39
N SER A 163 0.27 17.88 28.93
CA SER A 163 1.51 18.65 28.68
C SER A 163 2.09 18.57 27.26
N GLY A 164 1.69 17.54 26.52
CA GLY A 164 2.07 17.40 25.12
C GLY A 164 1.25 18.21 24.12
N TYR A 165 0.16 18.85 24.57
CA TYR A 165 -0.73 19.54 23.65
C TYR A 165 -0.01 20.71 22.96
N ILE A 166 -0.13 20.75 21.63
CA ILE A 166 0.53 21.79 20.85
C ILE A 166 -0.27 23.10 21.05
N PRO A 167 0.41 24.14 21.55
CA PRO A 167 -0.31 25.36 21.90
C PRO A 167 -0.83 26.20 20.71
N TYR A 168 -0.37 25.97 19.47
CA TYR A 168 -0.65 26.89 18.35
C TYR A 168 -1.74 26.39 17.39
N SER A 169 -2.35 25.25 17.73
CA SER A 169 -3.49 24.74 16.97
C SER A 169 -4.69 25.64 17.21
N ARG A 170 -5.69 25.57 16.35
CA ARG A 170 -6.80 26.52 16.47
C ARG A 170 -7.92 26.03 17.42
N PHE A 171 -7.69 24.91 18.08
CA PHE A 171 -8.54 24.38 19.14
C PHE A 171 -7.81 24.35 20.47
N GLU A 172 -8.47 24.78 21.53
CA GLU A 172 -7.90 24.66 22.86
C GLU A 172 -8.55 23.51 23.60
N LEU A 173 -7.72 22.80 24.34
CA LEU A 173 -8.13 21.64 25.09
C LEU A 173 -8.62 22.14 26.44
N VAL A 174 -9.90 21.96 26.74
CA VAL A 174 -10.45 22.34 28.05
C VAL A 174 -10.09 21.28 29.08
N GLY A 175 -10.30 20.00 28.80
CA GLY A 175 -9.72 18.94 29.64
C GLY A 175 -9.91 17.52 29.15
N VAL A 176 -9.25 16.61 29.84
CA VAL A 176 -9.31 15.18 29.56
C VAL A 176 -9.49 14.38 30.83
N THR A 177 -10.50 13.52 30.90
CA THR A 177 -10.61 12.56 31.99
C THR A 177 -10.54 11.19 31.37
N GLN A 178 -10.35 10.18 32.21
CA GLN A 178 -10.29 8.81 31.77
C GLN A 178 -10.96 7.85 32.74
N LYS A 179 -11.47 6.74 32.25
CA LYS A 179 -12.29 5.82 33.04
C LYS A 179 -12.17 4.41 32.46
N ARG A 180 -11.99 3.41 33.32
CA ARG A 180 -11.96 2.01 32.91
C ARG A 180 -13.29 1.39 33.23
N SER A 181 -13.83 0.55 32.36
CA SER A 181 -15.09 -0.16 32.60
C SER A 181 -15.00 -1.63 32.21
N GLU A 182 -15.88 -2.45 32.76
CA GLU A 182 -16.16 -3.79 32.28
C GLU A 182 -17.60 -3.79 31.81
N ARG A 183 -17.86 -4.28 30.61
CA ARG A 183 -19.22 -4.51 30.13
C ARG A 183 -19.36 -5.94 29.68
N PHE A 184 -20.60 -6.41 29.66
CA PHE A 184 -20.96 -7.67 29.02
C PHE A 184 -21.66 -7.36 27.70
N TYR A 185 -21.59 -8.29 26.76
CA TYR A 185 -22.35 -8.19 25.53
C TYR A 185 -23.14 -9.45 25.35
N GLU A 186 -24.29 -9.35 24.67
CA GLU A 186 -25.25 -10.45 24.62
C GLU A 186 -24.67 -11.77 24.09
N CYS A 187 -23.68 -11.68 23.20
CA CYS A 187 -22.96 -12.86 22.67
C CYS A 187 -22.30 -13.73 23.76
N CYS A 188 -21.48 -13.09 24.57
CA CYS A 188 -20.33 -13.72 25.19
C CYS A 188 -20.46 -13.77 26.72
N LYS A 189 -19.99 -14.86 27.32
CA LYS A 189 -20.16 -15.10 28.76
C LYS A 189 -19.34 -14.15 29.62
N GLU A 190 -18.13 -13.82 29.15
CA GLU A 190 -17.16 -13.07 29.96
C GLU A 190 -17.21 -11.58 29.63
N PRO A 191 -16.88 -10.72 30.61
CA PRO A 191 -16.86 -9.26 30.37
C PRO A 191 -15.62 -8.77 29.61
N TYR A 192 -15.79 -7.71 28.83
CA TYR A 192 -14.70 -7.06 28.10
C TYR A 192 -14.42 -5.73 28.76
N PRO A 193 -13.15 -5.43 29.05
CA PRO A 193 -12.86 -4.12 29.58
C PRO A 193 -12.56 -3.09 28.52
N ASP A 194 -12.85 -1.84 28.82
CA ASP A 194 -12.40 -0.73 27.99
C ASP A 194 -11.83 0.39 28.85
N VAL A 195 -11.04 1.24 28.21
CA VAL A 195 -10.55 2.45 28.81
C VAL A 195 -11.03 3.54 27.88
N THR A 196 -11.78 4.48 28.45
CA THR A 196 -12.34 5.57 27.69
C THR A 196 -11.76 6.90 28.15
N PHE A 197 -11.37 7.72 27.18
CA PHE A 197 -10.92 9.07 27.42
C PHE A 197 -11.99 10.03 26.97
N THR A 198 -12.41 10.90 27.87
CA THR A 198 -13.39 11.93 27.57
C THR A 198 -12.60 13.21 27.38
N VAL A 199 -12.76 13.85 26.23
CA VAL A 199 -11.95 15.00 25.86
C VAL A 199 -12.85 16.16 25.53
N THR A 200 -12.62 17.31 26.16
CA THR A 200 -13.44 18.49 25.91
C THR A 200 -12.57 19.56 25.27
N PHE A 201 -13.06 20.18 24.19
CA PHE A 201 -12.27 21.19 23.48
C PHE A 201 -13.18 22.18 22.80
N ARG A 202 -12.59 23.31 22.40
CA ARG A 202 -13.33 24.33 21.68
C ARG A 202 -12.46 25.15 20.74
N LYS A 203 -13.10 25.74 19.76
CA LYS A 203 -12.42 26.61 18.81
C LYS A 203 -11.93 27.87 19.51
N LYS A 204 -10.71 28.32 19.27
CA LYS A 204 -10.22 29.59 19.90
C LYS A 204 -10.92 30.85 19.37
N GLY A 205 -11.25 30.85 18.11
CA GLY A 205 -12.28 31.77 17.51
C GLY A 205 -13.43 32.33 18.37
N GLY B 1 -0.40 -19.24 26.35
CA GLY B 1 -0.40 -20.56 27.05
C GLY B 1 0.38 -21.61 26.27
N GLU B 2 0.87 -22.63 26.97
CA GLU B 2 1.75 -23.67 26.34
C GLU B 2 0.98 -24.59 25.39
N PHE B 3 -0.23 -24.96 25.79
CA PHE B 3 -1.11 -25.75 24.94
C PHE B 3 -1.58 -24.92 23.74
N GLN B 4 -1.80 -23.62 23.93
CA GLN B 4 -2.12 -22.72 22.81
C GLN B 4 -1.03 -22.72 21.73
N ARG B 5 0.22 -22.60 22.16
CA ARG B 5 1.36 -22.60 21.23
C ARG B 5 1.44 -23.88 20.44
N LYS B 6 1.26 -25.03 21.10
CA LYS B 6 1.27 -26.32 20.39
C LYS B 6 0.10 -26.39 19.39
N LEU B 7 -1.06 -25.87 19.82
CA LEU B 7 -2.23 -25.83 18.95
C LEU B 7 -1.97 -25.04 17.67
N TYR B 8 -1.42 -23.83 17.76
CA TYR B 8 -1.07 -23.03 16.56
C TYR B 8 -0.02 -23.71 15.69
N LYS B 9 0.91 -24.44 16.29
CA LYS B 9 1.98 -25.05 15.51
C LYS B 9 1.37 -26.05 14.53
N GLU B 10 0.33 -26.76 14.96
CA GLU B 10 -0.40 -27.70 14.10
C GLU B 10 -1.15 -27.08 12.86
N LEU B 11 -1.65 -25.84 12.98
CA LEU B 11 -2.26 -25.13 11.83
C LEU B 11 -1.26 -25.01 10.68
N VAL B 12 -0.22 -24.22 10.88
CA VAL B 12 0.85 -24.02 9.88
C VAL B 12 1.30 -25.36 9.22
N LYS B 13 1.26 -26.46 9.98
CA LYS B 13 1.70 -27.77 9.45
C LYS B 13 0.83 -28.27 8.30
N ASN B 14 -0.48 -28.35 8.50
CA ASN B 14 -1.31 -29.11 7.59
C ASN B 14 -2.30 -28.35 6.74
N TYR B 15 -2.44 -27.05 6.95
CA TYR B 15 -3.63 -26.32 6.56
C TYR B 15 -3.35 -25.39 5.40
N ASN B 16 -4.26 -25.35 4.44
CA ASN B 16 -4.16 -24.46 3.30
C ASN B 16 -5.36 -23.51 3.27
N PRO B 17 -5.14 -22.21 3.50
CA PRO B 17 -6.28 -21.28 3.56
C PRO B 17 -6.91 -20.96 2.21
N ASP B 18 -6.32 -21.45 1.13
CA ASP B 18 -6.94 -21.29 -0.17
C ASP B 18 -8.05 -22.30 -0.45
N VAL B 19 -8.16 -23.39 0.33
CA VAL B 19 -9.10 -24.46 0.04
C VAL B 19 -10.37 -24.35 0.89
N ILE B 20 -11.50 -24.14 0.24
CA ILE B 20 -12.78 -24.11 0.89
C ILE B 20 -13.04 -25.42 1.61
N PRO B 21 -13.37 -25.37 2.91
CA PRO B 21 -13.43 -26.60 3.70
C PRO B 21 -14.76 -27.36 3.57
N THR B 22 -15.17 -27.67 2.35
CA THR B 22 -16.28 -28.56 2.10
C THR B 22 -15.83 -29.97 2.45
N GLN B 23 -16.79 -30.87 2.63
CA GLN B 23 -16.49 -32.29 2.81
C GLN B 23 -17.65 -33.12 2.33
N ARG B 24 -17.36 -34.20 1.59
CA ARG B 24 -18.40 -35.15 1.10
C ARG B 24 -19.48 -34.43 0.30
N ASP B 25 -19.03 -33.64 -0.68
CA ASP B 25 -19.84 -32.67 -1.46
C ASP B 25 -20.88 -31.81 -0.69
N ARG B 26 -20.76 -31.77 0.64
CA ARG B 26 -21.62 -30.92 1.50
C ARG B 26 -21.09 -29.48 1.40
N PRO B 27 -21.99 -28.49 1.28
CA PRO B 27 -21.51 -27.10 1.32
C PRO B 27 -20.96 -26.66 2.67
N VAL B 28 -20.29 -25.53 2.67
CA VAL B 28 -19.91 -24.85 3.89
C VAL B 28 -20.98 -23.81 4.06
N THR B 29 -21.66 -23.84 5.20
CA THR B 29 -22.72 -22.89 5.45
C THR B 29 -22.10 -21.66 6.10
N VAL B 30 -22.34 -20.49 5.50
CA VAL B 30 -21.87 -19.26 6.06
C VAL B 30 -23.03 -18.39 6.51
N TYR B 31 -23.06 -18.11 7.81
CA TYR B 31 -24.09 -17.25 8.40
C TYR B 31 -23.62 -15.82 8.28
N PHE B 32 -24.51 -14.94 7.85
CA PHE B 32 -24.15 -13.57 7.48
C PHE B 32 -25.20 -12.60 8.02
N SER B 33 -24.76 -11.57 8.73
CA SER B 33 -25.65 -10.44 9.08
C SER B 33 -24.85 -9.14 9.15
N LEU B 34 -25.57 -8.06 9.44
CA LEU B 34 -25.04 -6.74 9.29
C LEU B 34 -25.61 -5.83 10.33
N SER B 35 -24.80 -4.91 10.86
CA SER B 35 -25.26 -3.74 11.67
C SER B 35 -24.71 -2.45 11.03
N LEU B 36 -25.58 -1.53 10.69
CA LEU B 36 -25.25 -0.33 9.97
C LEU B 36 -24.94 0.66 11.05
N LEU B 37 -23.66 0.88 11.26
CA LEU B 37 -23.20 1.72 12.38
C LEU B 37 -23.34 3.21 12.01
N GLN B 38 -23.09 3.55 10.73
CA GLN B 38 -23.15 4.93 10.32
C GLN B 38 -23.37 5.11 8.84
N ILE B 39 -24.11 6.16 8.51
CA ILE B 39 -24.09 6.79 7.21
C ILE B 39 -23.25 8.04 7.38
N MET B 40 -22.06 8.03 6.77
CA MET B 40 -21.08 9.10 6.88
C MET B 40 -21.39 10.22 5.96
N ASP B 41 -21.76 9.87 4.73
CA ASP B 41 -22.12 10.86 3.71
C ASP B 41 -22.99 10.26 2.64
N VAL B 42 -23.64 11.14 1.92
CA VAL B 42 -24.41 10.81 0.74
C VAL B 42 -24.01 11.84 -0.31
N ASP B 43 -23.46 11.38 -1.43
CA ASP B 43 -23.11 12.23 -2.56
C ASP B 43 -24.23 12.20 -3.60
N GLU B 44 -25.07 13.23 -3.58
CA GLU B 44 -26.25 13.30 -4.44
C GLU B 44 -25.92 13.38 -5.93
N LYS B 45 -24.88 14.12 -6.27
CA LYS B 45 -24.41 14.27 -7.65
C LYS B 45 -23.91 12.95 -8.24
N ASN B 46 -23.06 12.23 -7.50
CA ASN B 46 -22.41 11.01 -8.01
C ASN B 46 -23.10 9.71 -7.65
N GLN B 47 -24.24 9.81 -6.95
CA GLN B 47 -25.06 8.67 -6.59
C GLN B 47 -24.23 7.67 -5.81
N VAL B 48 -23.64 8.15 -4.73
CA VAL B 48 -22.78 7.34 -3.86
C VAL B 48 -23.15 7.50 -2.38
N VAL B 49 -23.11 6.41 -1.64
CA VAL B 49 -23.32 6.42 -0.19
C VAL B 49 -22.06 5.94 0.49
N ASP B 50 -21.73 6.60 1.59
CA ASP B 50 -20.56 6.25 2.39
C ASP B 50 -21.04 5.75 3.74
N VAL B 51 -20.76 4.49 4.04
CA VAL B 51 -21.18 3.91 5.31
C VAL B 51 -20.07 3.24 6.07
N VAL B 52 -20.29 3.07 7.36
CA VAL B 52 -19.56 2.08 8.15
C VAL B 52 -20.57 0.97 8.49
N ILE B 53 -20.22 -0.25 8.13
CA ILE B 53 -21.05 -1.41 8.48
C ILE B 53 -20.25 -2.45 9.21
N TRP B 54 -20.87 -3.07 10.19
CA TRP B 54 -20.27 -4.14 10.95
C TRP B 54 -20.86 -5.45 10.47
N LEU B 55 -20.06 -6.27 9.81
CA LEU B 55 -20.50 -7.57 9.30
C LEU B 55 -20.24 -8.63 10.32
N GLN B 56 -21.14 -9.61 10.38
CA GLN B 56 -20.97 -10.78 11.25
C GLN B 56 -21.05 -12.01 10.38
N MET B 57 -19.95 -12.73 10.26
CA MET B 57 -19.87 -13.94 9.45
C MET B 57 -19.44 -15.08 10.33
N SER B 58 -20.02 -16.25 10.13
CA SER B 58 -19.54 -17.42 10.83
C SER B 58 -19.79 -18.68 10.02
N TRP B 59 -18.87 -19.61 10.18
CA TRP B 59 -18.90 -20.88 9.47
C TRP B 59 -18.12 -21.92 10.25
N THR B 60 -18.32 -23.18 9.91
CA THR B 60 -17.52 -24.26 10.45
C THR B 60 -16.51 -24.73 9.43
N ASP B 61 -15.27 -24.86 9.89
CA ASP B 61 -14.17 -25.36 9.10
C ASP B 61 -13.77 -26.66 9.79
N HIS B 62 -14.11 -27.81 9.22
CA HIS B 62 -13.80 -29.08 9.89
C HIS B 62 -12.30 -29.30 10.11
N TYR B 63 -11.44 -28.69 9.30
CA TYR B 63 -9.98 -28.84 9.47
C TYR B 63 -9.44 -28.11 10.68
N LEU B 64 -10.24 -27.22 11.27
CA LEU B 64 -9.80 -26.46 12.43
C LEU B 64 -10.21 -27.08 13.77
N GLN B 65 -10.80 -28.25 13.79
CA GLN B 65 -11.22 -28.80 15.08
C GLN B 65 -10.08 -29.52 15.79
N TRP B 66 -10.17 -29.56 17.11
CA TRP B 66 -9.21 -30.27 17.96
C TRP B 66 -9.90 -30.94 19.16
N ASN B 67 -9.19 -31.86 19.81
CA ASN B 67 -9.68 -32.55 21.01
C ASN B 67 -9.46 -31.71 22.25
N VAL B 68 -10.52 -31.25 22.89
CA VAL B 68 -10.38 -30.40 24.09
C VAL B 68 -9.56 -31.07 25.22
N SER B 69 -9.63 -32.40 25.31
CA SER B 69 -8.86 -33.16 26.33
C SER B 69 -7.36 -33.24 26.01
N GLU B 70 -6.98 -33.06 24.74
CA GLU B 70 -5.58 -33.00 24.30
C GLU B 70 -4.96 -31.58 24.32
N TYR B 71 -5.80 -30.56 24.46
CA TYR B 71 -5.34 -29.18 24.63
C TYR B 71 -6.18 -28.57 25.75
N PRO B 72 -6.02 -29.08 26.98
CA PRO B 72 -6.91 -28.71 28.08
C PRO B 72 -6.83 -27.23 28.42
N GLY B 73 -7.99 -26.64 28.68
CA GLY B 73 -8.10 -25.21 28.93
C GLY B 73 -8.39 -24.42 27.68
N VAL B 74 -7.99 -24.92 26.50
CA VAL B 74 -8.08 -24.15 25.27
C VAL B 74 -9.44 -24.37 24.66
N LYS B 75 -10.30 -23.36 24.85
CA LYS B 75 -11.69 -23.38 24.39
C LYS B 75 -11.88 -22.58 23.10
N GLN B 76 -11.24 -21.42 22.97
CA GLN B 76 -11.22 -20.71 21.71
C GLN B 76 -9.93 -19.93 21.50
N VAL B 77 -9.53 -19.76 20.25
CA VAL B 77 -8.30 -19.04 19.92
C VAL B 77 -8.57 -17.91 18.95
N SER B 78 -7.81 -16.83 19.12
CA SER B 78 -7.87 -15.64 18.29
C SER B 78 -6.81 -15.83 17.21
N VAL B 79 -7.19 -15.72 15.94
CA VAL B 79 -6.33 -16.16 14.84
C VAL B 79 -6.40 -15.13 13.73
N PRO B 80 -5.26 -14.81 13.07
CA PRO B 80 -5.34 -13.89 11.93
C PRO B 80 -6.19 -14.52 10.85
N ILE B 81 -7.17 -13.77 10.36
CA ILE B 81 -8.05 -14.27 9.32
C ILE B 81 -7.28 -14.68 8.06
N SER B 82 -6.18 -14.00 7.78
CA SER B 82 -5.34 -14.39 6.63
C SER B 82 -4.78 -15.81 6.69
N SER B 83 -4.72 -16.44 7.85
CA SER B 83 -4.23 -17.81 7.92
C SER B 83 -5.35 -18.86 7.89
N LEU B 84 -6.60 -18.42 7.74
CA LEU B 84 -7.74 -19.31 7.58
C LEU B 84 -8.34 -19.11 6.22
N TRP B 85 -9.02 -20.13 5.71
CA TRP B 85 -9.96 -19.93 4.63
C TRP B 85 -11.03 -18.94 5.10
N LYS B 86 -11.38 -17.99 4.24
CA LYS B 86 -12.52 -17.13 4.50
C LYS B 86 -13.43 -16.98 3.28
N PRO B 87 -14.74 -16.78 3.51
CA PRO B 87 -15.65 -16.56 2.44
C PRO B 87 -15.27 -15.38 1.58
N ASP B 88 -15.42 -15.53 0.28
CA ASP B 88 -15.10 -14.46 -0.68
C ASP B 88 -16.34 -13.62 -0.94
N ILE B 89 -16.92 -13.12 0.13
CA ILE B 89 -18.16 -12.40 0.03
C ILE B 89 -17.86 -11.01 -0.46
N LEU B 90 -18.68 -10.50 -1.35
CA LEU B 90 -18.46 -9.23 -2.00
C LEU B 90 -19.75 -8.40 -1.84
N LEU B 91 -19.63 -7.09 -1.63
CA LEU B 91 -20.74 -6.19 -1.75
C LEU B 91 -20.83 -5.78 -3.20
N TYR B 92 -21.87 -6.23 -3.89
CA TYR B 92 -22.00 -6.03 -5.34
C TYR B 92 -22.07 -4.57 -5.76
N ASN B 93 -22.55 -3.70 -4.89
CA ASN B 93 -22.81 -2.29 -5.21
C ASN B 93 -21.54 -1.39 -5.04
N ALA B 94 -20.43 -1.98 -4.54
CA ALA B 94 -19.27 -1.22 -4.11
C ALA B 94 -18.55 -0.60 -5.28
N ILE B 95 -18.14 0.65 -5.09
CA ILE B 95 -17.39 1.34 -6.14
C ILE B 95 -15.95 1.65 -5.76
N GLU B 96 -15.57 1.24 -4.53
CA GLU B 96 -14.19 1.30 -4.02
C GLU B 96 -13.96 0.09 -3.19
N ARG B 97 -12.72 -0.26 -2.94
CA ARG B 97 -12.42 -1.37 -2.02
C ARG B 97 -12.87 -0.97 -0.62
N PRO B 98 -13.08 -1.96 0.24
CA PRO B 98 -13.43 -1.62 1.63
C PRO B 98 -12.21 -1.23 2.44
N GLU B 99 -12.39 -0.40 3.45
CA GLU B 99 -11.35 -0.13 4.45
C GLU B 99 -11.77 -0.85 5.73
N VAL B 100 -11.00 -1.84 6.17
CA VAL B 100 -11.34 -2.61 7.36
C VAL B 100 -10.84 -1.87 8.59
N LEU B 101 -11.76 -1.52 9.49
CA LEU B 101 -11.44 -0.72 10.67
C LEU B 101 -11.04 -1.53 11.90
N THR B 102 -11.17 -2.84 11.86
CA THR B 102 -10.99 -3.68 13.04
C THR B 102 -9.81 -4.60 12.81
N PRO B 103 -9.21 -5.08 13.92
CA PRO B 103 -8.19 -6.09 13.78
C PRO B 103 -8.69 -7.26 12.95
N GLN B 104 -7.80 -7.79 12.11
CA GLN B 104 -8.17 -8.80 11.14
C GLN B 104 -7.98 -10.15 11.78
N LEU B 105 -8.81 -10.41 12.79
CA LEU B 105 -8.71 -11.58 13.61
C LEU B 105 -10.06 -12.27 13.64
N ALA B 106 -10.03 -13.59 13.74
CA ALA B 106 -11.21 -14.41 13.89
C ALA B 106 -11.11 -15.21 15.15
N LEU B 107 -12.26 -15.52 15.74
CA LEU B 107 -12.33 -16.46 16.87
C LEU B 107 -12.65 -17.86 16.35
N VAL B 108 -12.00 -18.87 16.87
CA VAL B 108 -12.24 -20.24 16.43
C VAL B 108 -12.36 -21.09 17.67
N ASN B 109 -13.39 -21.94 17.72
CA ASN B 109 -13.58 -22.83 18.89
C ASN B 109 -13.14 -24.23 18.53
N SER B 110 -13.20 -25.12 19.52
CA SER B 110 -12.63 -26.44 19.45
C SER B 110 -13.26 -27.32 18.40
N SER B 111 -14.52 -27.07 18.04
CA SER B 111 -15.16 -27.82 16.94
C SER B 111 -15.06 -27.04 15.62
N GLY B 112 -14.04 -26.20 15.46
CA GLY B 112 -13.77 -25.50 14.23
C GLY B 112 -14.79 -24.47 13.77
N HIS B 113 -15.63 -23.97 14.68
CA HIS B 113 -16.51 -22.87 14.30
C HIS B 113 -15.73 -21.53 14.38
N VAL B 114 -15.81 -20.77 13.29
CA VAL B 114 -15.08 -19.52 13.11
C VAL B 114 -16.04 -18.36 13.16
N GLN B 115 -15.71 -17.34 13.93
CA GLN B 115 -16.45 -16.07 13.95
C GLN B 115 -15.52 -14.98 13.43
N TYR B 116 -15.97 -14.25 12.42
CA TYR B 116 -15.21 -13.15 11.85
C TYR B 116 -16.15 -11.95 11.73
N LEU B 117 -15.86 -10.86 12.44
CA LEU B 117 -16.77 -9.75 12.57
C LEU B 117 -16.15 -8.40 12.17
N PRO B 118 -15.73 -8.25 10.92
CA PRO B 118 -15.10 -7.01 10.52
C PRO B 118 -16.04 -5.83 10.45
N SER B 119 -15.57 -4.68 10.93
CA SER B 119 -16.25 -3.40 10.67
C SER B 119 -15.56 -2.75 9.47
N ILE B 120 -16.33 -2.36 8.46
CA ILE B 120 -15.77 -1.76 7.26
C ILE B 120 -16.38 -0.40 6.92
N ARG B 121 -15.52 0.45 6.35
CA ARG B 121 -15.93 1.72 5.81
C ARG B 121 -15.92 1.43 4.33
N GLN B 122 -17.03 1.76 3.68
CA GLN B 122 -17.30 1.35 2.33
C GLN B 122 -18.16 2.37 1.60
N ARG B 123 -17.78 2.74 0.38
CA ARG B 123 -18.61 3.59 -0.49
C ARG B 123 -19.22 2.73 -1.60
N PHE B 124 -20.53 2.94 -1.85
CA PHE B 124 -21.23 2.14 -2.83
C PHE B 124 -22.24 2.96 -3.60
N SER B 125 -22.66 2.41 -4.72
CA SER B 125 -23.52 3.12 -5.67
C SER B 125 -24.99 2.94 -5.26
N CYS B 126 -25.76 4.03 -5.29
CA CYS B 126 -27.17 3.99 -4.95
C CYS B 126 -27.89 5.25 -5.49
N ASP B 127 -29.11 5.07 -6.00
CA ASP B 127 -29.95 6.19 -6.34
C ASP B 127 -30.43 6.88 -5.06
N VAL B 128 -29.88 8.05 -4.78
CA VAL B 128 -30.17 8.72 -3.53
C VAL B 128 -30.99 9.99 -3.72
N SER B 129 -31.61 10.16 -4.88
CA SER B 129 -32.30 11.41 -5.18
C SER B 129 -33.46 11.72 -4.19
N GLY B 130 -34.03 10.69 -3.55
CA GLY B 130 -35.03 10.90 -2.52
C GLY B 130 -34.56 11.34 -1.14
N VAL B 131 -33.27 11.44 -0.89
CA VAL B 131 -32.75 11.57 0.48
C VAL B 131 -33.28 12.77 1.28
N ASP B 132 -33.66 13.89 0.64
CA ASP B 132 -34.34 14.99 1.45
C ASP B 132 -35.84 15.04 1.30
N THR B 133 -36.45 13.87 1.25
CA THR B 133 -37.91 13.75 1.25
C THR B 133 -38.31 13.00 2.51
N GLU B 134 -39.60 13.05 2.82
CA GLU B 134 -40.16 12.24 3.89
C GLU B 134 -39.92 10.72 3.63
N SER B 135 -40.09 10.29 2.38
CA SER B 135 -39.88 8.90 1.96
C SER B 135 -38.45 8.45 2.11
N GLY B 136 -37.53 9.37 1.88
CA GLY B 136 -36.09 9.09 1.99
C GLY B 136 -35.57 8.41 0.74
N ALA B 137 -34.36 7.88 0.83
CA ALA B 137 -33.75 7.07 -0.22
C ALA B 137 -33.66 5.64 0.25
N THR B 138 -33.85 4.70 -0.66
CA THR B 138 -33.87 3.27 -0.36
C THR B 138 -32.77 2.59 -1.20
N CYS B 139 -31.76 2.02 -0.57
CA CYS B 139 -30.62 1.39 -1.23
C CYS B 139 -30.59 -0.10 -0.98
N LYS B 140 -30.16 -0.87 -1.97
CA LYS B 140 -29.92 -2.30 -1.81
C LYS B 140 -28.45 -2.56 -1.60
N LEU B 141 -28.12 -3.36 -0.58
CA LEU B 141 -26.75 -3.79 -0.34
C LEU B 141 -26.76 -5.29 -0.53
N LYS B 142 -26.38 -5.72 -1.72
CA LYS B 142 -26.40 -7.14 -2.06
C LYS B 142 -25.03 -7.76 -1.81
N PHE B 143 -25.00 -8.80 -0.98
CA PHE B 143 -23.78 -9.52 -0.63
C PHE B 143 -23.84 -10.95 -1.13
N GLY B 144 -22.70 -11.46 -1.60
CA GLY B 144 -22.62 -12.82 -2.13
C GLY B 144 -21.19 -13.26 -2.40
N SER B 145 -20.99 -14.56 -2.50
CA SER B 145 -19.71 -15.15 -2.90
C SER B 145 -19.42 -14.74 -4.31
N TRP B 146 -18.18 -14.42 -4.61
CA TRP B 146 -17.76 -14.11 -5.96
C TRP B 146 -17.53 -15.36 -6.77
N THR B 147 -17.06 -16.45 -6.17
CA THR B 147 -16.63 -17.63 -6.95
C THR B 147 -17.28 -18.96 -6.60
N HIS B 148 -18.06 -19.02 -5.52
CA HIS B 148 -18.65 -20.28 -5.05
C HIS B 148 -20.17 -20.27 -5.19
N HIS B 149 -20.70 -21.27 -5.89
CA HIS B 149 -22.16 -21.51 -5.98
C HIS B 149 -22.74 -22.18 -4.71
N SER B 150 -24.06 -22.36 -4.69
CA SER B 150 -24.78 -22.93 -3.53
C SER B 150 -24.34 -24.28 -3.01
N ARG B 151 -23.88 -25.16 -3.88
CA ARG B 151 -23.42 -26.47 -3.44
C ARG B 151 -22.05 -26.48 -2.80
N GLU B 152 -21.28 -25.40 -2.96
CA GLU B 152 -19.99 -25.21 -2.27
C GLU B 152 -20.12 -24.30 -1.05
N LEU B 153 -20.80 -23.17 -1.22
CA LEU B 153 -20.92 -22.17 -0.15
C LEU B 153 -22.38 -21.70 0.00
N ASP B 154 -22.99 -22.11 1.11
CA ASP B 154 -24.40 -21.91 1.35
C ASP B 154 -24.52 -20.71 2.22
N LEU B 155 -24.79 -19.57 1.62
CA LEU B 155 -24.95 -18.32 2.35
C LEU B 155 -26.33 -18.27 3.04
N GLN B 156 -26.34 -18.04 4.35
CA GLN B 156 -27.58 -18.00 5.16
C GLN B 156 -27.62 -16.75 6.00
N MET B 157 -28.83 -16.24 6.15
CA MET B 157 -29.10 -14.95 6.75
C MET B 157 -29.22 -15.16 8.26
N GLN B 158 -29.17 -14.07 9.01
CA GLN B 158 -29.49 -14.06 10.46
C GLN B 158 -30.07 -12.70 10.89
N GLU B 159 -30.60 -12.65 12.10
CA GLU B 159 -31.32 -11.46 12.61
C GLU B 159 -30.39 -10.22 12.74
N ALA B 160 -30.75 -9.14 12.04
CA ALA B 160 -29.91 -7.93 11.87
C ALA B 160 -30.14 -6.86 12.98
N ASP B 161 -29.71 -5.61 12.73
CA ASP B 161 -29.55 -4.59 13.80
C ASP B 161 -29.70 -3.10 13.35
N ILE B 162 -30.70 -2.40 13.91
CA ILE B 162 -30.78 -0.91 13.89
C ILE B 162 -30.11 -0.31 15.18
N SER B 163 -29.87 -1.12 16.22
CA SER B 163 -29.47 -0.62 17.56
C SER B 163 -28.05 -0.03 17.65
N GLY B 164 -27.18 -0.38 16.70
CA GLY B 164 -25.85 0.19 16.60
C GLY B 164 -25.76 1.57 15.94
N TYR B 165 -26.87 2.06 15.36
CA TYR B 165 -26.82 3.28 14.59
C TYR B 165 -26.45 4.48 15.47
N ILE B 166 -25.48 5.26 14.98
CA ILE B 166 -25.01 6.43 15.72
C ILE B 166 -26.08 7.53 15.62
N PRO B 167 -26.60 7.98 16.77
CA PRO B 167 -27.70 8.93 16.76
C PRO B 167 -27.40 10.36 16.27
N TYR B 168 -26.12 10.77 16.18
CA TYR B 168 -25.78 12.21 15.96
C TYR B 168 -25.36 12.52 14.53
N SER B 169 -25.41 11.51 13.64
CA SER B 169 -25.14 11.73 12.22
C SER B 169 -26.28 12.54 11.63
N ARG B 170 -26.07 13.15 10.48
CA ARG B 170 -27.09 14.04 9.91
C ARG B 170 -28.14 13.28 9.05
N PHE B 171 -28.03 11.95 9.01
CA PHE B 171 -29.01 11.08 8.40
C PHE B 171 -29.67 10.17 9.44
N GLU B 172 -30.99 10.04 9.36
CA GLU B 172 -31.70 9.08 10.20
C GLU B 172 -32.07 7.85 9.39
N LEU B 173 -31.93 6.71 10.02
CA LEU B 173 -32.21 5.43 9.43
C LEU B 173 -33.70 5.19 9.64
N VAL B 174 -34.47 5.11 8.55
CA VAL B 174 -35.90 4.83 8.62
C VAL B 174 -36.12 3.34 8.86
N GLY B 175 -35.49 2.47 8.07
CA GLY B 175 -35.74 1.03 8.20
C GLY B 175 -34.81 0.14 7.39
N VAL B 176 -34.71 -1.12 7.82
CA VAL B 176 -33.88 -2.11 7.16
C VAL B 176 -34.63 -3.42 7.03
N THR B 177 -34.72 -3.97 5.83
CA THR B 177 -35.18 -5.34 5.67
C THR B 177 -34.04 -6.14 5.08
N GLN B 178 -34.18 -7.45 5.12
CA GLN B 178 -33.19 -8.35 4.54
C GLN B 178 -33.86 -9.55 3.88
N LYS B 179 -33.21 -10.10 2.86
CA LYS B 179 -33.80 -11.13 2.02
C LYS B 179 -32.68 -11.98 1.42
N ARG B 180 -32.84 -13.30 1.45
CA ARG B 180 -31.90 -14.22 0.83
C ARG B 180 -32.51 -14.69 -0.48
N SER B 181 -31.70 -14.80 -1.53
CA SER B 181 -32.17 -15.33 -2.81
C SER B 181 -31.19 -16.33 -3.41
N GLU B 182 -31.68 -17.17 -4.32
CA GLU B 182 -30.84 -17.94 -5.22
C GLU B 182 -31.18 -17.44 -6.61
N ARG B 183 -30.15 -17.06 -7.38
CA ARG B 183 -30.34 -16.75 -8.79
C ARG B 183 -29.43 -17.64 -9.63
N PHE B 184 -29.82 -17.81 -10.88
CA PHE B 184 -28.98 -18.42 -11.89
C PHE B 184 -28.43 -17.32 -12.80
N TYR B 185 -27.31 -17.60 -13.47
CA TYR B 185 -26.78 -16.71 -14.50
C TYR B 185 -26.54 -17.56 -15.72
N GLU B 186 -26.61 -16.93 -16.90
CA GLU B 186 -26.59 -17.65 -18.17
C GLU B 186 -25.34 -18.56 -18.35
N CYS B 187 -24.21 -18.17 -17.76
CA CYS B 187 -22.98 -18.99 -17.76
C CYS B 187 -23.15 -20.39 -17.18
N CYS B 188 -23.64 -20.43 -15.95
CA CYS B 188 -23.31 -21.47 -14.99
C CYS B 188 -24.52 -22.31 -14.62
N LYS B 189 -24.31 -23.60 -14.43
CA LYS B 189 -25.40 -24.56 -14.19
C LYS B 189 -26.03 -24.37 -12.81
N GLU B 190 -25.22 -24.02 -11.82
CA GLU B 190 -25.65 -24.00 -10.43
C GLU B 190 -26.05 -22.60 -9.99
N PRO B 191 -27.02 -22.49 -9.05
CA PRO B 191 -27.43 -21.17 -8.55
C PRO B 191 -26.44 -20.57 -7.53
N TYR B 192 -26.36 -19.25 -7.50
CA TYR B 192 -25.56 -18.50 -6.54
C TYR B 192 -26.49 -17.81 -5.56
N PRO B 193 -26.26 -17.97 -4.26
CA PRO B 193 -27.08 -17.25 -3.32
C PRO B 193 -26.56 -15.88 -2.97
N ASP B 194 -27.48 -14.98 -2.63
CA ASP B 194 -27.11 -13.69 -2.07
C ASP B 194 -27.98 -13.34 -0.89
N VAL B 195 -27.49 -12.44 -0.07
CA VAL B 195 -28.25 -11.86 1.01
C VAL B 195 -28.21 -10.37 0.74
N THR B 196 -29.38 -9.78 0.61
CA THR B 196 -29.51 -8.37 0.32
C THR B 196 -30.19 -7.65 1.46
N PHE B 197 -29.62 -6.52 1.85
CA PHE B 197 -30.19 -5.62 2.83
C PHE B 197 -30.73 -4.41 2.11
N THR B 198 -32.01 -4.11 2.31
CA THR B 198 -32.63 -2.93 1.77
C THR B 198 -32.68 -1.92 2.93
N VAL B 199 -32.12 -0.74 2.69
CA VAL B 199 -31.95 0.25 3.74
C VAL B 199 -32.59 1.54 3.32
N THR B 200 -33.45 2.11 4.13
CA THR B 200 -34.07 3.40 3.83
C THR B 200 -33.58 4.44 4.83
N PHE B 201 -33.20 5.61 4.34
CA PHE B 201 -32.72 6.68 5.20
C PHE B 201 -33.02 8.03 4.61
N ARG B 202 -32.91 9.06 5.43
CA ARG B 202 -33.17 10.42 5.01
C ARG B 202 -32.39 11.45 5.81
N LYS B 203 -32.18 12.60 5.19
CA LYS B 203 -31.53 13.73 5.83
C LYS B 203 -32.43 14.26 6.97
N LYS B 204 -31.88 14.55 8.14
CA LYS B 204 -32.72 15.06 9.25
C LYS B 204 -33.29 16.48 9.04
N GLY B 205 -32.53 17.33 8.33
CA GLY B 205 -32.76 18.78 8.32
C GLY B 205 -34.14 19.29 8.03
N GLY C 1 -12.11 -30.07 0.86
CA GLY C 1 -12.03 -31.51 0.43
C GLY C 1 -10.61 -32.03 0.46
N GLU C 2 -10.44 -33.33 0.72
CA GLU C 2 -9.08 -33.95 0.85
C GLU C 2 -8.34 -34.03 -0.49
N PHE C 3 -9.07 -34.37 -1.54
CA PHE C 3 -8.52 -34.36 -2.90
C PHE C 3 -8.22 -32.94 -3.36
N GLN C 4 -9.03 -31.97 -2.95
CA GLN C 4 -8.75 -30.53 -3.24
C GLN C 4 -7.41 -30.09 -2.66
N ARG C 5 -7.17 -30.45 -1.39
CA ARG C 5 -5.91 -30.10 -0.72
C ARG C 5 -4.72 -30.70 -1.42
N LYS C 6 -4.80 -31.96 -1.82
CA LYS C 6 -3.69 -32.60 -2.56
C LYS C 6 -3.49 -31.93 -3.91
N LEU C 7 -4.60 -31.56 -4.56
CA LEU C 7 -4.54 -30.83 -5.84
C LEU C 7 -3.78 -29.53 -5.72
N TYR C 8 -4.10 -28.69 -4.73
CA TYR C 8 -3.34 -27.44 -4.52
C TYR C 8 -1.88 -27.67 -4.19
N LYS C 9 -1.57 -28.75 -3.48
CA LYS C 9 -0.20 -29.00 -3.06
C LYS C 9 0.67 -29.19 -4.31
N GLU C 10 0.12 -29.86 -5.33
CA GLU C 10 0.80 -30.03 -6.62
C GLU C 10 1.10 -28.75 -7.46
N LEU C 11 0.28 -27.70 -7.35
CA LEU C 11 0.56 -26.39 -7.97
C LEU C 11 1.89 -25.84 -7.48
N VAL C 12 1.94 -25.47 -6.20
CA VAL C 12 3.17 -24.95 -5.57
C VAL C 12 4.43 -25.80 -5.96
N LYS C 13 4.26 -27.11 -6.17
CA LYS C 13 5.39 -27.98 -6.48
C LYS C 13 6.04 -27.64 -7.85
N ASN C 14 5.26 -27.61 -8.90
CA ASN C 14 5.81 -27.67 -10.24
C ASN C 14 5.64 -26.45 -11.11
N TYR C 15 4.92 -25.45 -10.65
CA TYR C 15 4.33 -24.44 -11.51
C TYR C 15 5.01 -23.11 -11.28
N ASN C 16 5.28 -22.40 -12.36
CA ASN C 16 5.85 -21.07 -12.30
C ASN C 16 4.89 -20.06 -12.96
N PRO C 17 4.29 -19.16 -12.17
CA PRO C 17 3.31 -18.22 -12.74
C PRO C 17 3.92 -17.13 -13.61
N ASP C 18 5.24 -17.05 -13.66
CA ASP C 18 5.87 -16.11 -14.55
C ASP C 18 5.96 -16.60 -16.02
N VAL C 19 5.73 -17.88 -16.28
CA VAL C 19 5.92 -18.45 -17.62
C VAL C 19 4.60 -18.60 -18.36
N ILE C 20 4.47 -17.89 -19.46
CA ILE C 20 3.30 -18.00 -20.32
C ILE C 20 3.17 -19.44 -20.81
N PRO C 21 1.98 -20.04 -20.64
CA PRO C 21 1.85 -21.47 -20.92
C PRO C 21 1.60 -21.82 -22.39
N THR C 22 2.47 -21.34 -23.28
CA THR C 22 2.48 -21.77 -24.67
C THR C 22 3.00 -23.20 -24.72
N GLN C 23 2.75 -23.88 -25.84
CA GLN C 23 3.31 -25.22 -26.08
C GLN C 23 3.42 -25.45 -27.57
N ARG C 24 4.54 -26.02 -28.03
CA ARG C 24 4.74 -26.39 -29.45
C ARG C 24 4.54 -25.18 -30.38
N ASP C 25 5.23 -24.09 -30.05
CA ASP C 25 5.04 -22.72 -30.61
C ASP C 25 3.58 -22.25 -30.86
N ARG C 26 2.60 -22.93 -30.25
CA ARG C 26 1.19 -22.55 -30.35
C ARG C 26 0.94 -21.40 -29.37
N PRO C 27 0.19 -20.37 -29.79
CA PRO C 27 -0.16 -19.33 -28.83
C PRO C 27 -1.11 -19.78 -27.72
N VAL C 28 -1.23 -18.96 -26.70
CA VAL C 28 -2.25 -19.10 -25.68
C VAL C 28 -3.34 -18.19 -26.12
N THR C 29 -4.54 -18.72 -26.30
CA THR C 29 -5.65 -17.90 -26.73
C THR C 29 -6.32 -17.34 -25.50
N VAL C 30 -6.46 -16.01 -25.44
CA VAL C 30 -7.16 -15.36 -24.35
C VAL C 30 -8.44 -14.70 -24.84
N TYR C 31 -9.57 -15.17 -24.33
CA TYR C 31 -10.86 -14.60 -24.65
C TYR C 31 -11.11 -13.43 -23.73
N PHE C 32 -11.59 -12.32 -24.28
CA PHE C 32 -11.68 -11.06 -23.58
C PHE C 32 -12.99 -10.37 -23.89
N SER C 33 -13.74 -9.99 -22.88
CA SER C 33 -14.91 -9.12 -23.06
C SER C 33 -15.13 -8.22 -21.86
N LEU C 34 -16.14 -7.37 -21.95
CA LEU C 34 -16.29 -6.28 -21.02
C LEU C 34 -17.74 -5.97 -20.84
N SER C 35 -18.14 -5.66 -19.60
CA SER C 35 -19.45 -5.06 -19.26
C SER C 35 -19.24 -3.74 -18.50
N LEU C 36 -19.81 -2.66 -19.04
CA LEU C 36 -19.57 -1.33 -18.50
C LEU C 36 -20.67 -1.17 -17.51
N LEU C 37 -20.31 -1.32 -16.24
CA LEU C 37 -21.29 -1.30 -15.16
C LEU C 37 -21.68 0.15 -14.84
N GLN C 38 -20.71 1.08 -14.91
CA GLN C 38 -21.00 2.45 -14.58
C GLN C 38 -20.05 3.45 -15.16
N ILE C 39 -20.59 4.62 -15.51
CA ILE C 39 -19.82 5.82 -15.69
C ILE C 39 -20.05 6.63 -14.41
N MET C 40 -18.99 6.76 -13.62
CA MET C 40 -19.03 7.42 -12.32
C MET C 40 -18.92 8.91 -12.48
N ASP C 41 -18.02 9.33 -13.35
CA ASP C 41 -17.80 10.75 -13.60
C ASP C 41 -17.14 10.99 -14.94
N VAL C 42 -17.27 12.21 -15.41
CA VAL C 42 -16.62 12.70 -16.58
C VAL C 42 -16.04 14.06 -16.21
N ASP C 43 -14.72 14.19 -16.30
CA ASP C 43 -14.01 15.45 -16.08
C ASP C 43 -13.77 16.16 -17.42
N GLU C 44 -14.62 17.12 -17.73
CA GLU C 44 -14.55 17.82 -19.02
C GLU C 44 -13.28 18.66 -19.21
N LYS C 45 -12.82 19.28 -18.12
CA LYS C 45 -11.59 20.09 -18.12
C LYS C 45 -10.33 19.23 -18.42
N ASN C 46 -10.20 18.10 -17.71
CA ASN C 46 -9.00 17.27 -17.80
C ASN C 46 -9.08 16.10 -18.79
N GLN C 47 -10.22 15.98 -19.47
CA GLN C 47 -10.43 14.96 -20.48
C GLN C 47 -10.22 13.59 -19.89
N VAL C 48 -10.95 13.32 -18.82
CA VAL C 48 -10.88 12.04 -18.10
C VAL C 48 -12.25 11.43 -17.83
N VAL C 49 -12.36 10.11 -17.98
CA VAL C 49 -13.57 9.39 -17.68
C VAL C 49 -13.30 8.40 -16.56
N ASP C 50 -14.24 8.31 -15.63
CA ASP C 50 -14.15 7.42 -14.49
C ASP C 50 -15.23 6.36 -14.64
N VAL C 51 -14.81 5.11 -14.78
CA VAL C 51 -15.76 4.01 -14.93
C VAL C 51 -15.53 2.87 -13.98
N VAL C 52 -16.57 2.06 -13.79
CA VAL C 52 -16.43 0.70 -13.29
C VAL C 52 -16.70 -0.23 -14.47
N ILE C 53 -15.74 -1.11 -14.76
CA ILE C 53 -15.93 -2.12 -15.82
C ILE C 53 -15.67 -3.49 -15.27
N TRP C 54 -16.47 -4.44 -15.72
CA TRP C 54 -16.32 -5.83 -15.39
C TRP C 54 -15.68 -6.54 -16.57
N LEU C 55 -14.45 -6.99 -16.42
CA LEU C 55 -13.74 -7.72 -17.48
C LEU C 55 -13.96 -9.19 -17.34
N GLN C 56 -14.05 -9.88 -18.46
CA GLN C 56 -14.16 -11.34 -18.47
C GLN C 56 -13.02 -11.88 -19.31
N MET C 57 -12.09 -12.57 -18.70
CA MET C 57 -10.93 -13.14 -19.38
C MET C 57 -10.91 -14.62 -19.17
N SER C 58 -10.59 -15.38 -20.20
CA SER C 58 -10.41 -16.81 -20.02
C SER C 58 -9.40 -17.35 -21.00
N TRP C 59 -8.68 -18.36 -20.53
CA TRP C 59 -7.64 -18.99 -21.31
C TRP C 59 -7.42 -20.40 -20.79
N THR C 60 -6.73 -21.23 -21.58
CA THR C 60 -6.31 -22.53 -21.15
C THR C 60 -4.83 -22.52 -20.82
N ASP C 61 -4.51 -23.08 -19.67
CA ASP C 61 -3.17 -23.25 -19.20
C ASP C 61 -2.94 -24.74 -19.13
N HIS C 62 -2.18 -25.30 -20.08
CA HIS C 62 -2.01 -26.78 -20.08
C HIS C 62 -1.35 -27.31 -18.80
N TYR C 63 -0.56 -26.48 -18.11
CA TYR C 63 0.09 -26.93 -16.86
C TYR C 63 -0.87 -27.07 -15.70
N LEU C 64 -2.08 -26.53 -15.82
CA LEU C 64 -3.06 -26.62 -14.76
C LEU C 64 -4.04 -27.78 -14.89
N GLN C 65 -3.86 -28.68 -15.86
CA GLN C 65 -4.83 -29.74 -16.02
C GLN C 65 -4.48 -30.90 -15.10
N TRP C 66 -5.50 -31.66 -14.75
CA TRP C 66 -5.37 -32.85 -13.93
C TRP C 66 -6.32 -33.96 -14.40
N ASN C 67 -6.05 -35.18 -13.94
CA ASN C 67 -6.88 -36.34 -14.27
C ASN C 67 -8.07 -36.39 -13.31
N VAL C 68 -9.29 -36.22 -13.82
CA VAL C 68 -10.49 -36.24 -12.95
C VAL C 68 -10.64 -37.55 -12.14
N SER C 69 -10.16 -38.68 -12.69
CA SER C 69 -10.18 -39.97 -11.99
C SER C 69 -9.18 -40.06 -10.83
N GLU C 70 -8.12 -39.24 -10.85
CA GLU C 70 -7.12 -39.13 -9.79
C GLU C 70 -7.47 -38.09 -8.69
N TYR C 71 -8.44 -37.22 -8.97
CA TYR C 71 -8.95 -36.27 -8.00
C TYR C 71 -10.47 -36.26 -8.12
N PRO C 72 -11.09 -37.40 -7.76
CA PRO C 72 -12.51 -37.59 -8.00
C PRO C 72 -13.37 -36.60 -7.26
N GLY C 73 -14.40 -36.10 -7.93
CA GLY C 73 -15.27 -35.08 -7.38
C GLY C 73 -14.80 -33.66 -7.69
N VAL C 74 -13.50 -33.47 -7.92
CA VAL C 74 -12.95 -32.13 -8.08
C VAL C 74 -13.09 -31.70 -9.52
N LYS C 75 -14.09 -30.85 -9.76
CA LYS C 75 -14.40 -30.35 -11.10
C LYS C 75 -13.86 -28.95 -11.38
N GLN C 76 -13.92 -28.06 -10.40
CA GLN C 76 -13.26 -26.76 -10.52
C GLN C 76 -12.78 -26.25 -9.17
N VAL C 77 -11.69 -25.47 -9.19
CA VAL C 77 -11.14 -24.91 -7.98
C VAL C 77 -10.99 -23.41 -8.09
N SER C 78 -11.22 -22.74 -6.96
CA SER C 78 -11.11 -21.31 -6.84
C SER C 78 -9.69 -21.02 -6.35
N VAL C 79 -8.95 -20.17 -7.04
CA VAL C 79 -7.49 -20.08 -6.86
C VAL C 79 -7.08 -18.62 -6.90
N PRO C 80 -6.14 -18.20 -6.02
CA PRO C 80 -5.69 -16.81 -6.12
C PRO C 80 -5.01 -16.58 -7.44
N ILE C 81 -5.43 -15.56 -8.19
CA ILE C 81 -4.88 -15.28 -9.49
C ILE C 81 -3.37 -15.04 -9.42
N SER C 82 -2.87 -14.50 -8.31
CA SER C 82 -1.43 -14.31 -8.15
C SER C 82 -0.60 -15.61 -8.18
N SER C 83 -1.21 -16.77 -7.98
CA SER C 83 -0.45 -18.01 -8.08
C SER C 83 -0.55 -18.68 -9.47
N LEU C 84 -1.23 -18.04 -10.42
CA LEU C 84 -1.31 -18.50 -11.80
C LEU C 84 -0.64 -17.48 -12.69
N TRP C 85 -0.17 -17.93 -13.84
CA TRP C 85 0.13 -17.02 -14.94
C TRP C 85 -1.15 -16.30 -15.30
N LYS C 86 -1.06 -15.00 -15.53
CA LYS C 86 -2.18 -14.25 -16.10
C LYS C 86 -1.76 -13.33 -17.23
N PRO C 87 -2.65 -13.09 -18.19
CA PRO C 87 -2.36 -12.17 -19.27
C PRO C 87 -2.00 -10.81 -18.76
N ASP C 88 -1.00 -10.18 -19.38
CA ASP C 88 -0.54 -8.85 -19.02
C ASP C 88 -1.28 -7.82 -19.83
N ILE C 89 -2.60 -7.88 -19.77
CA ILE C 89 -3.44 -7.05 -20.60
C ILE C 89 -3.49 -5.70 -19.95
N LEU C 90 -3.43 -4.65 -20.76
CA LEU C 90 -3.33 -3.29 -20.29
C LEU C 90 -4.42 -2.50 -21.00
N LEU C 91 -5.05 -1.56 -20.29
CA LEU C 91 -5.91 -0.56 -20.94
C LEU C 91 -5.02 0.56 -21.36
N TYR C 92 -4.84 0.76 -22.65
CA TYR C 92 -3.89 1.73 -23.19
C TYR C 92 -4.19 3.17 -22.80
N ASN C 93 -5.46 3.48 -22.59
CA ASN C 93 -5.92 4.84 -22.34
C ASN C 93 -5.80 5.27 -20.84
N ALA C 94 -5.41 4.35 -19.96
CA ALA C 94 -5.47 4.53 -18.51
C ALA C 94 -4.47 5.56 -18.05
N ILE C 95 -4.91 6.42 -17.16
CA ILE C 95 -4.03 7.45 -16.62
C ILE C 95 -3.74 7.26 -15.12
N GLU C 96 -4.32 6.21 -14.54
CA GLU C 96 -4.11 5.79 -13.15
C GLU C 96 -4.15 4.29 -13.14
N ARG C 97 -3.63 3.70 -12.08
CA ARG C 97 -3.67 2.24 -11.94
C ARG C 97 -5.14 1.87 -11.72
N PRO C 98 -5.49 0.61 -12.00
CA PRO C 98 -6.85 0.17 -11.71
C PRO C 98 -7.03 -0.13 -10.24
N GLU C 99 -8.25 0.02 -9.74
CA GLU C 99 -8.60 -0.46 -8.40
C GLU C 99 -9.50 -1.67 -8.60
N VAL C 100 -9.04 -2.84 -8.18
CA VAL C 100 -9.80 -4.08 -8.36
C VAL C 100 -10.80 -4.21 -7.24
N LEU C 101 -12.09 -4.27 -7.58
CA LEU C 101 -13.18 -4.31 -6.59
C LEU C 101 -13.58 -5.71 -6.13
N THR C 102 -13.06 -6.74 -6.81
CA THR C 102 -13.50 -8.11 -6.59
C THR C 102 -12.39 -8.95 -5.98
N PRO C 103 -12.76 -10.04 -5.31
CA PRO C 103 -11.75 -10.97 -4.87
C PRO C 103 -10.85 -11.39 -6.03
N GLN C 104 -9.57 -11.53 -5.73
CA GLN C 104 -8.56 -11.76 -6.75
C GLN C 104 -8.41 -13.25 -6.95
N LEU C 105 -9.47 -13.86 -7.44
CA LEU C 105 -9.60 -15.29 -7.54
C LEU C 105 -10.01 -15.64 -8.95
N ALA C 106 -9.51 -16.79 -9.40
CA ALA C 106 -9.86 -17.37 -10.67
C ALA C 106 -10.49 -18.74 -10.47
N LEU C 107 -11.38 -19.11 -11.38
CA LEU C 107 -11.86 -20.50 -11.45
C LEU C 107 -11.02 -21.30 -12.44
N VAL C 108 -10.64 -22.52 -12.10
CA VAL C 108 -9.89 -23.37 -12.99
C VAL C 108 -10.58 -24.72 -13.01
N ASN C 109 -10.79 -25.26 -14.21
CA ASN C 109 -11.39 -26.60 -14.35
C ASN C 109 -10.31 -27.62 -14.66
N SER C 110 -10.74 -28.88 -14.72
CA SER C 110 -9.84 -30.02 -14.79
C SER C 110 -8.98 -30.06 -16.03
N SER C 111 -9.44 -29.46 -17.13
CA SER C 111 -8.64 -29.35 -18.35
C SER C 111 -7.91 -28.01 -18.42
N GLY C 112 -7.62 -27.41 -17.26
CA GLY C 112 -6.81 -26.21 -17.18
C GLY C 112 -7.40 -24.95 -17.78
N HIS C 113 -8.71 -24.89 -17.99
CA HIS C 113 -9.32 -23.65 -18.42
C HIS C 113 -9.54 -22.73 -17.20
N VAL C 114 -9.06 -21.49 -17.33
CA VAL C 114 -9.06 -20.50 -16.27
C VAL C 114 -10.07 -19.42 -16.61
N GLN C 115 -10.93 -19.05 -15.67
CA GLN C 115 -11.80 -17.91 -15.78
C GLN C 115 -11.40 -16.89 -14.73
N TYR C 116 -11.14 -15.66 -15.16
CA TYR C 116 -10.79 -14.55 -14.27
C TYR C 116 -11.66 -13.36 -14.64
N LEU C 117 -12.50 -12.90 -13.72
CA LEU C 117 -13.54 -11.92 -14.04
C LEU C 117 -13.50 -10.70 -13.13
N PRO C 118 -12.38 -9.96 -13.10
CA PRO C 118 -12.27 -8.82 -12.22
C PRO C 118 -13.18 -7.65 -12.59
N SER C 119 -13.79 -7.04 -11.60
CA SER C 119 -14.44 -5.75 -11.75
C SER C 119 -13.43 -4.66 -11.32
N ILE C 120 -13.21 -3.66 -12.16
CA ILE C 120 -12.28 -2.59 -11.83
C ILE C 120 -12.89 -1.19 -11.92
N ARG C 121 -12.38 -0.32 -11.06
CA ARG C 121 -12.66 1.09 -11.10
C ARG C 121 -11.40 1.64 -11.74
N GLN C 122 -11.60 2.44 -12.77
CA GLN C 122 -10.52 2.89 -13.63
C GLN C 122 -10.79 4.26 -14.21
N ARG C 123 -9.81 5.15 -14.14
CA ARG C 123 -9.88 6.45 -14.83
C ARG C 123 -8.98 6.44 -16.07
N PHE C 124 -9.53 6.95 -17.17
CA PHE C 124 -8.80 6.93 -18.43
C PHE C 124 -9.04 8.17 -19.25
N SER C 125 -8.15 8.41 -20.20
CA SER C 125 -8.14 9.63 -21.00
C SER C 125 -9.10 9.50 -22.17
N CYS C 126 -9.89 10.53 -22.42
CA CYS C 126 -10.80 10.56 -23.57
C CYS C 126 -11.26 11.99 -23.88
N ASP C 127 -11.37 12.32 -25.16
CA ASP C 127 -11.98 13.57 -25.57
C ASP C 127 -13.47 13.53 -25.31
N VAL C 128 -13.92 14.25 -24.29
CA VAL C 128 -15.30 14.18 -23.88
C VAL C 128 -16.08 15.47 -24.15
N SER C 129 -15.54 16.32 -25.02
CA SER C 129 -16.19 17.60 -25.31
C SER C 129 -17.64 17.48 -25.83
N GLY C 130 -18.01 16.35 -26.44
CA GLY C 130 -19.39 16.15 -26.87
C GLY C 130 -20.41 15.73 -25.80
N VAL C 131 -19.98 15.50 -24.56
CA VAL C 131 -20.83 14.80 -23.59
C VAL C 131 -22.20 15.47 -23.29
N ASP C 132 -22.33 16.80 -23.45
CA ASP C 132 -23.61 17.51 -23.34
C ASP C 132 -24.38 17.73 -24.64
N THR C 133 -24.19 16.86 -25.63
CA THR C 133 -24.87 16.97 -26.90
C THR C 133 -25.72 15.75 -27.11
N GLU C 134 -26.62 15.83 -28.08
CA GLU C 134 -27.40 14.68 -28.50
C GLU C 134 -26.49 13.49 -28.96
N SER C 135 -25.42 13.81 -29.70
CA SER C 135 -24.45 12.82 -30.19
C SER C 135 -23.68 12.16 -29.07
N GLY C 136 -23.41 12.93 -28.01
CA GLY C 136 -22.66 12.44 -26.86
C GLY C 136 -21.18 12.44 -27.13
N ALA C 137 -20.42 11.80 -26.26
CA ALA C 137 -19.00 11.59 -26.41
C ALA C 137 -18.75 10.13 -26.73
N THR C 138 -17.76 9.85 -27.56
CA THR C 138 -17.41 8.51 -28.00
C THR C 138 -15.96 8.26 -27.61
N CYS C 139 -15.70 7.29 -26.73
CA CYS C 139 -14.36 6.95 -26.25
C CYS C 139 -13.94 5.58 -26.72
N LYS C 140 -12.66 5.41 -26.98
CA LYS C 140 -12.07 4.11 -27.29
C LYS C 140 -11.39 3.56 -26.05
N LEU C 141 -11.67 2.31 -25.70
CA LEU C 141 -10.99 1.62 -24.64
C LEU C 141 -10.25 0.49 -25.27
N LYS C 142 -8.97 0.71 -25.55
CA LYS C 142 -8.14 -0.27 -26.22
C LYS C 142 -7.39 -1.13 -25.21
N PHE C 143 -7.59 -2.45 -25.29
CA PHE C 143 -6.94 -3.42 -24.43
C PHE C 143 -6.02 -4.33 -25.23
N GLY C 144 -4.87 -4.66 -24.65
CA GLY C 144 -3.87 -5.51 -25.29
C GLY C 144 -2.76 -5.94 -24.34
N SER C 145 -2.05 -7.00 -24.70
CA SER C 145 -0.89 -7.48 -23.98
C SER C 145 0.20 -6.42 -24.09
N TRP C 146 0.91 -6.21 -23.00
CA TRP C 146 2.02 -5.28 -23.00
C TRP C 146 3.28 -5.91 -23.56
N THR C 147 3.49 -7.21 -23.40
CA THR C 147 4.76 -7.83 -23.77
C THR C 147 4.71 -8.99 -24.76
N HIS C 148 3.51 -9.50 -25.07
CA HIS C 148 3.38 -10.70 -25.91
C HIS C 148 2.71 -10.35 -27.25
N HIS C 149 3.37 -10.72 -28.34
CA HIS C 149 2.79 -10.65 -29.70
C HIS C 149 1.80 -11.79 -30.01
N SER C 150 1.18 -11.74 -31.19
CA SER C 150 0.16 -12.73 -31.62
C SER C 150 0.56 -14.19 -31.60
N ARG C 151 1.82 -14.51 -31.86
CA ARG C 151 2.24 -15.92 -31.85
C ARG C 151 2.46 -16.49 -30.46
N GLU C 152 2.53 -15.62 -29.44
CA GLU C 152 2.57 -16.06 -28.03
C GLU C 152 1.22 -15.95 -27.36
N LEU C 153 0.53 -14.83 -27.53
CA LEU C 153 -0.76 -14.56 -26.86
C LEU C 153 -1.80 -14.04 -27.86
N ASP C 154 -2.79 -14.87 -28.16
CA ASP C 154 -3.75 -14.61 -29.20
C ASP C 154 -4.97 -14.07 -28.52
N LEU C 155 -5.11 -12.76 -28.53
CA LEU C 155 -6.25 -12.10 -27.91
C LEU C 155 -7.49 -12.22 -28.83
N GLN C 156 -8.60 -12.72 -28.28
CA GLN C 156 -9.84 -12.94 -29.02
C GLN C 156 -11.03 -12.36 -28.27
N MET C 157 -12.01 -11.90 -29.02
CA MET C 157 -13.13 -11.16 -28.51
C MET C 157 -14.23 -12.12 -28.12
N GLN C 158 -15.23 -11.64 -27.37
CA GLN C 158 -16.51 -12.39 -27.17
C GLN C 158 -17.69 -11.45 -26.99
N GLU C 159 -18.91 -11.99 -27.01
CA GLU C 159 -20.14 -11.18 -26.91
C GLU C 159 -20.26 -10.40 -25.58
N ALA C 160 -20.38 -9.07 -25.69
CA ALA C 160 -20.31 -8.10 -24.57
C ALA C 160 -21.71 -7.84 -23.91
N ASP C 161 -21.83 -6.73 -23.14
CA ASP C 161 -23.04 -6.45 -22.33
C ASP C 161 -23.38 -4.95 -22.06
N ILE C 162 -24.57 -4.51 -22.49
CA ILE C 162 -25.21 -3.27 -22.00
C ILE C 162 -26.14 -3.53 -20.78
N SER C 163 -26.49 -4.79 -20.51
CA SER C 163 -27.52 -5.11 -19.46
C SER C 163 -27.10 -4.85 -18.01
N GLY C 164 -25.80 -4.77 -17.77
CA GLY C 164 -25.26 -4.41 -16.47
C GLY C 164 -25.23 -2.93 -16.14
N TYR C 165 -25.52 -2.06 -17.11
CA TYR C 165 -25.42 -0.62 -16.90
C TYR C 165 -26.41 -0.15 -15.83
N ILE C 166 -25.89 0.61 -14.87
CA ILE C 166 -26.70 1.10 -13.77
C ILE C 166 -27.61 2.23 -14.30
N PRO C 167 -28.93 2.04 -14.17
CA PRO C 167 -29.85 3.00 -14.77
C PRO C 167 -29.93 4.41 -14.13
N TYR C 168 -29.41 4.60 -12.91
CA TYR C 168 -29.66 5.84 -12.13
C TYR C 168 -28.47 6.79 -12.10
N SER C 169 -27.41 6.45 -12.83
CA SER C 169 -26.24 7.35 -12.94
C SER C 169 -26.64 8.54 -13.80
N ARG C 170 -25.88 9.62 -13.74
CA ARG C 170 -26.29 10.84 -14.47
C ARG C 170 -25.81 10.87 -15.94
N PHE C 171 -25.20 9.77 -16.39
CA PHE C 171 -24.87 9.55 -17.80
C PHE C 171 -25.65 8.36 -18.36
N GLU C 172 -26.18 8.51 -19.56
CA GLU C 172 -26.80 7.38 -20.24
C GLU C 172 -25.86 6.86 -21.31
N LEU C 173 -25.84 5.54 -21.43
CA LEU C 173 -25.03 4.83 -22.36
C LEU C 173 -25.81 4.76 -23.66
N VAL C 174 -25.33 5.41 -24.73
CA VAL C 174 -25.98 5.35 -26.03
C VAL C 174 -25.62 4.03 -26.71
N GLY C 175 -24.34 3.64 -26.75
CA GLY C 175 -23.99 2.33 -27.26
C GLY C 175 -22.56 1.89 -27.00
N VAL C 176 -22.32 0.60 -27.19
CA VAL C 176 -21.00 -0.01 -27.09
C VAL C 176 -20.77 -0.96 -28.25
N THR C 177 -19.72 -0.77 -29.01
CA THR C 177 -19.32 -1.73 -30.02
C THR C 177 -17.94 -2.20 -29.65
N GLN C 178 -17.48 -3.26 -30.30
CA GLN C 178 -16.15 -3.81 -30.05
C GLN C 178 -15.51 -4.33 -31.33
N LYS C 179 -14.19 -4.32 -31.38
CA LYS C 179 -13.42 -4.63 -32.58
C LYS C 179 -12.06 -5.18 -32.18
N ARG C 180 -11.62 -6.25 -32.83
CA ARG C 180 -10.29 -6.81 -32.65
C ARG C 180 -9.42 -6.37 -33.80
N SER C 181 -8.17 -6.00 -33.52
CA SER C 181 -7.22 -5.66 -34.57
C SER C 181 -5.86 -6.34 -34.37
N GLU C 182 -5.09 -6.46 -35.46
CA GLU C 182 -3.67 -6.75 -35.41
C GLU C 182 -2.98 -5.52 -35.97
N ARG C 183 -2.01 -4.98 -35.25
CA ARG C 183 -1.16 -3.91 -35.76
C ARG C 183 0.29 -4.32 -35.63
N PHE C 184 1.14 -3.67 -36.42
CA PHE C 184 2.58 -3.75 -36.29
C PHE C 184 3.09 -2.47 -35.64
N TYR C 185 4.26 -2.54 -35.03
CA TYR C 185 4.96 -1.34 -34.59
C TYR C 185 6.37 -1.40 -35.14
N GLU C 186 6.97 -0.24 -35.37
CA GLU C 186 8.24 -0.16 -36.10
C GLU C 186 9.37 -1.01 -35.48
N CYS C 187 9.34 -1.17 -34.15
CA CYS C 187 10.30 -2.02 -33.43
C CYS C 187 10.34 -3.47 -33.91
N CYS C 188 9.18 -4.10 -33.91
CA CYS C 188 9.05 -5.54 -33.72
C CYS C 188 8.50 -6.24 -34.98
N LYS C 189 8.98 -7.45 -35.22
CA LYS C 189 8.68 -8.17 -36.46
C LYS C 189 7.22 -8.66 -36.51
N GLU C 190 6.71 -9.05 -35.33
CA GLU C 190 5.44 -9.73 -35.22
C GLU C 190 4.32 -8.74 -34.85
N PRO C 191 3.07 -9.01 -35.29
CA PRO C 191 1.95 -8.14 -34.94
C PRO C 191 1.42 -8.36 -33.51
N TYR C 192 0.88 -7.29 -32.92
CA TYR C 192 0.25 -7.34 -31.60
C TYR C 192 -1.23 -7.16 -31.78
N PRO C 193 -2.04 -8.03 -31.17
CA PRO C 193 -3.47 -7.83 -31.26
C PRO C 193 -4.01 -6.96 -30.14
N ASP C 194 -5.10 -6.27 -30.43
CA ASP C 194 -5.86 -5.56 -29.40
C ASP C 194 -7.35 -5.79 -29.58
N VAL C 195 -8.09 -5.56 -28.50
CA VAL C 195 -9.53 -5.54 -28.55
C VAL C 195 -9.90 -4.18 -28.02
N THR C 196 -10.64 -3.44 -28.82
CA THR C 196 -11.05 -2.10 -28.47
C THR C 196 -12.56 -2.02 -28.37
N PHE C 197 -13.02 -1.38 -27.30
CA PHE C 197 -14.41 -1.08 -27.08
C PHE C 197 -14.65 0.38 -27.33
N THR C 198 -15.59 0.68 -28.19
CA THR C 198 -16.00 2.04 -28.48
C THR C 198 -17.28 2.26 -27.69
N VAL C 199 -17.27 3.30 -26.86
CA VAL C 199 -18.38 3.55 -25.94
C VAL C 199 -18.89 4.95 -26.18
N THR C 200 -20.19 5.09 -26.42
CA THR C 200 -20.79 6.41 -26.62
C THR C 200 -21.75 6.69 -25.48
N PHE C 201 -21.65 7.88 -24.89
CA PHE C 201 -22.50 8.24 -23.77
C PHE C 201 -22.73 9.73 -23.70
N ARG C 202 -23.74 10.12 -22.92
CA ARG C 202 -24.06 11.52 -22.76
C ARG C 202 -24.71 11.83 -21.43
N LYS C 203 -24.60 13.09 -21.02
CA LYS C 203 -25.21 13.55 -19.78
C LYS C 203 -26.74 13.53 -19.93
N LYS C 204 -27.47 13.06 -18.93
CA LYS C 204 -28.95 13.05 -19.05
C LYS C 204 -29.63 14.41 -19.06
N GLY C 205 -29.04 15.37 -18.33
CA GLY C 205 -29.67 16.69 -18.09
C GLY C 205 -31.07 16.58 -17.47
N GLY D 1 6.13 -22.82 -22.47
CA GLY D 1 7.02 -23.84 -23.09
C GLY D 1 7.85 -24.57 -22.06
N GLU D 2 8.25 -25.82 -22.36
CA GLU D 2 9.07 -26.65 -21.45
C GLU D 2 10.50 -26.13 -21.27
N PHE D 3 11.09 -25.69 -22.38
CA PHE D 3 12.40 -25.07 -22.34
C PHE D 3 12.35 -23.71 -21.64
N GLN D 4 11.24 -22.98 -21.80
CA GLN D 4 11.05 -21.71 -21.05
C GLN D 4 11.07 -21.92 -19.54
N ARG D 5 10.36 -22.94 -19.07
CA ARG D 5 10.32 -23.26 -17.65
C ARG D 5 11.69 -23.59 -17.11
N LYS D 6 12.47 -24.40 -17.84
CA LYS D 6 13.84 -24.73 -17.40
C LYS D 6 14.71 -23.47 -17.39
N LEU D 7 14.54 -22.62 -18.40
CA LEU D 7 15.26 -21.35 -18.47
C LEU D 7 15.01 -20.47 -17.23
N TYR D 8 13.75 -20.28 -16.84
CA TYR D 8 13.46 -19.50 -15.62
C TYR D 8 14.00 -20.14 -14.35
N LYS D 9 14.05 -21.47 -14.30
CA LYS D 9 14.49 -22.15 -13.09
C LYS D 9 15.96 -21.77 -12.82
N GLU D 10 16.75 -21.66 -13.89
CA GLU D 10 18.15 -21.22 -13.79
C GLU D 10 18.40 -19.78 -13.25
N LEU D 11 17.51 -18.82 -13.52
CA LEU D 11 17.60 -17.46 -12.95
C LEU D 11 17.62 -17.52 -11.42
N VAL D 12 16.49 -17.92 -10.83
CA VAL D 12 16.38 -18.04 -9.37
C VAL D 12 17.60 -18.75 -8.73
N LYS D 13 18.24 -19.68 -9.45
CA LYS D 13 19.39 -20.42 -8.92
C LYS D 13 20.61 -19.53 -8.65
N ASN D 14 21.05 -18.77 -9.63
CA ASN D 14 22.37 -18.15 -9.54
C ASN D 14 22.44 -16.64 -9.44
N TYR D 15 21.31 -15.96 -9.54
CA TYR D 15 21.27 -14.56 -9.91
C TYR D 15 20.87 -13.69 -8.72
N ASN D 16 21.55 -12.56 -8.55
CA ASN D 16 21.20 -11.60 -7.52
C ASN D 16 20.83 -10.25 -8.16
N PRO D 17 19.56 -9.85 -8.07
CA PRO D 17 19.14 -8.60 -8.73
C PRO D 17 19.61 -7.33 -8.06
N ASP D 18 20.25 -7.45 -6.90
CA ASP D 18 20.86 -6.30 -6.27
C ASP D 18 22.22 -5.91 -6.85
N VAL D 19 22.87 -6.79 -7.62
CA VAL D 19 24.23 -6.54 -8.09
C VAL D 19 24.22 -6.05 -9.54
N ILE D 20 24.72 -4.83 -9.73
CA ILE D 20 24.85 -4.25 -11.06
C ILE D 20 25.79 -5.12 -11.90
N PRO D 21 25.35 -5.51 -13.10
CA PRO D 21 26.10 -6.51 -13.87
C PRO D 21 27.25 -5.93 -14.69
N THR D 22 28.16 -5.21 -14.03
CA THR D 22 29.42 -4.78 -14.62
C THR D 22 30.32 -6.00 -14.77
N GLN D 23 31.36 -5.87 -15.58
CA GLN D 23 32.41 -6.88 -15.66
C GLN D 23 33.72 -6.25 -16.09
N ARG D 24 34.84 -6.65 -15.48
CA ARG D 24 36.20 -6.19 -15.87
C ARG D 24 36.30 -4.66 -15.89
N ASP D 25 35.89 -4.06 -14.76
CA ASP D 25 35.73 -2.59 -14.57
C ASP D 25 34.96 -1.84 -15.71
N ARG D 26 34.33 -2.56 -16.64
CA ARG D 26 33.57 -1.96 -17.73
C ARG D 26 32.20 -1.54 -17.19
N PRO D 27 31.71 -0.35 -17.55
CA PRO D 27 30.35 0.00 -17.12
C PRO D 27 29.25 -0.81 -17.80
N VAL D 28 28.06 -0.70 -17.26
CA VAL D 28 26.86 -1.21 -17.90
C VAL D 28 26.30 0.00 -18.60
N THR D 29 26.10 -0.11 -19.90
CA THR D 29 25.56 1.01 -20.65
C THR D 29 24.04 0.90 -20.62
N VAL D 30 23.38 1.97 -20.19
CA VAL D 30 21.94 2.02 -20.18
C VAL D 30 21.44 3.07 -21.15
N TYR D 31 20.70 2.61 -22.16
CA TYR D 31 20.09 3.51 -23.14
C TYR D 31 18.77 4.00 -22.58
N PHE D 32 18.52 5.29 -22.70
CA PHE D 32 17.40 5.94 -22.05
C PHE D 32 16.75 6.92 -23.01
N SER D 33 15.43 6.80 -23.19
CA SER D 33 14.66 7.83 -23.90
C SER D 33 13.25 7.93 -23.32
N LEU D 34 12.48 8.87 -23.88
CA LEU D 34 11.25 9.29 -23.29
C LEU D 34 10.29 9.68 -24.38
N SER D 35 9.02 9.34 -24.21
CA SER D 35 7.89 9.87 -25.01
C SER D 35 6.85 10.49 -24.05
N LEU D 36 6.54 11.75 -24.28
CA LEU D 36 5.63 12.49 -23.44
C LEU D 36 4.28 12.24 -24.02
N LEU D 37 3.54 11.36 -23.37
CA LEU D 37 2.22 10.95 -23.87
C LEU D 37 1.18 12.00 -23.54
N GLN D 38 1.29 12.63 -22.35
CA GLN D 38 0.31 13.61 -21.94
C GLN D 38 0.78 14.59 -20.91
N ILE D 39 0.29 15.82 -21.04
CA ILE D 39 0.29 16.78 -19.96
C ILE D 39 -1.14 16.80 -19.43
N MET D 40 -1.31 16.27 -18.22
CA MET D 40 -2.62 16.11 -17.59
C MET D 40 -3.07 17.41 -16.96
N ASP D 41 -2.14 18.07 -16.27
CA ASP D 41 -2.43 19.32 -15.61
C ASP D 41 -1.17 20.13 -15.37
N VAL D 42 -1.38 21.41 -15.15
CA VAL D 42 -0.36 22.34 -14.75
C VAL D 42 -0.96 23.12 -13.59
N ASP D 43 -0.33 23.03 -12.41
CA ASP D 43 -0.75 23.75 -11.22
C ASP D 43 0.09 25.03 -11.09
N GLU D 44 -0.49 26.14 -11.51
CA GLU D 44 0.25 27.42 -11.56
C GLU D 44 0.61 27.95 -10.17
N LYS D 45 -0.28 27.75 -9.20
CA LYS D 45 -0.06 28.16 -7.81
C LYS D 45 1.12 27.40 -7.16
N ASN D 46 1.15 26.09 -7.30
CA ASN D 46 2.17 25.24 -6.64
C ASN D 46 3.40 24.90 -7.48
N GLN D 47 3.43 25.39 -8.71
CA GLN D 47 4.56 25.17 -9.62
C GLN D 47 4.80 23.70 -9.81
N VAL D 48 3.73 23.02 -10.24
CA VAL D 48 3.77 21.57 -10.48
C VAL D 48 3.18 21.20 -11.84
N VAL D 49 3.81 20.23 -12.51
CA VAL D 49 3.31 19.68 -13.75
C VAL D 49 2.98 18.20 -13.57
N ASP D 50 1.86 17.80 -14.14
CA ASP D 50 1.38 16.44 -14.05
C ASP D 50 1.42 15.84 -15.45
N VAL D 51 2.25 14.81 -15.63
CA VAL D 51 2.39 14.18 -16.93
C VAL D 51 2.25 12.68 -16.88
N VAL D 52 1.96 12.10 -18.04
CA VAL D 52 2.22 10.70 -18.31
C VAL D 52 3.39 10.63 -19.27
N ILE D 53 4.44 9.92 -18.88
CA ILE D 53 5.61 9.72 -19.74
C ILE D 53 5.92 8.26 -19.88
N TRP D 54 6.29 7.88 -21.09
CA TRP D 54 6.68 6.53 -21.41
C TRP D 54 8.19 6.49 -21.51
N LEU D 55 8.85 5.82 -20.56
CA LEU D 55 10.30 5.69 -20.57
C LEU D 55 10.69 4.44 -21.33
N GLN D 56 11.81 4.52 -22.02
CA GLN D 56 12.39 3.36 -22.69
C GLN D 56 13.81 3.19 -22.18
N MET D 57 14.06 2.10 -21.46
CA MET D 57 15.37 1.79 -20.92
C MET D 57 15.83 0.47 -21.50
N SER D 58 17.09 0.36 -21.85
CA SER D 58 17.63 -0.94 -22.23
C SER D 58 19.10 -1.03 -21.89
N TRP D 59 19.51 -2.24 -21.54
CA TRP D 59 20.86 -2.53 -21.14
C TRP D 59 21.14 -4.02 -21.38
N THR D 60 22.41 -4.39 -21.38
CA THR D 60 22.82 -5.77 -21.42
C THR D 60 23.27 -6.21 -20.03
N ASP D 61 22.75 -7.35 -19.60
CA ASP D 61 23.10 -7.98 -18.36
C ASP D 61 23.77 -9.29 -18.77
N HIS D 62 25.09 -9.37 -18.66
CA HIS D 62 25.77 -10.59 -19.14
C HIS D 62 25.35 -11.85 -18.37
N TYR D 63 24.85 -11.71 -17.13
CA TYR D 63 24.39 -12.89 -16.37
C TYR D 63 23.10 -13.48 -16.89
N LEU D 64 22.39 -12.74 -17.73
CA LEU D 64 21.13 -13.22 -18.27
C LEU D 64 21.25 -13.91 -19.64
N GLN D 65 22.45 -14.13 -20.16
CA GLN D 65 22.54 -14.75 -21.46
C GLN D 65 22.46 -16.26 -21.34
N TRP D 66 22.01 -16.89 -22.42
CA TRP D 66 21.92 -18.34 -22.53
C TRP D 66 22.25 -18.80 -23.96
N ASN D 67 22.52 -20.10 -24.10
CA ASN D 67 22.83 -20.72 -25.39
C ASN D 67 21.53 -21.06 -26.10
N VAL D 68 21.25 -20.42 -27.24
CA VAL D 68 19.99 -20.68 -27.97
C VAL D 68 19.82 -22.17 -28.38
N SER D 69 20.93 -22.86 -28.62
CA SER D 69 20.91 -24.29 -28.96
C SER D 69 20.56 -25.21 -27.77
N GLU D 70 20.77 -24.72 -26.54
CA GLU D 70 20.39 -25.42 -25.31
C GLU D 70 18.96 -25.11 -24.80
N TYR D 71 18.34 -24.07 -25.35
CA TYR D 71 16.95 -23.73 -25.08
C TYR D 71 16.29 -23.40 -26.41
N PRO D 72 16.18 -24.41 -27.28
CA PRO D 72 15.74 -24.17 -28.67
C PRO D 72 14.33 -23.62 -28.73
N GLY D 73 14.13 -22.65 -29.62
CA GLY D 73 12.86 -21.96 -29.74
C GLY D 73 12.77 -20.71 -28.88
N VAL D 74 13.53 -20.66 -27.79
CA VAL D 74 13.41 -19.56 -26.83
C VAL D 74 14.31 -18.43 -27.27
N LYS D 75 13.67 -17.41 -27.87
CA LYS D 75 14.37 -16.23 -28.37
C LYS D 75 14.31 -15.02 -27.42
N GLN D 76 13.17 -14.81 -26.80
CA GLN D 76 13.06 -13.80 -25.74
C GLN D 76 12.04 -14.21 -24.69
N VAL D 77 12.25 -13.76 -23.45
CA VAL D 77 11.36 -14.06 -22.35
C VAL D 77 10.88 -12.80 -21.67
N SER D 78 9.63 -12.84 -21.23
CA SER D 78 8.98 -11.76 -20.52
C SER D 78 9.18 -12.06 -19.04
N VAL D 79 9.71 -11.11 -18.27
CA VAL D 79 10.21 -11.40 -16.93
C VAL D 79 9.81 -10.27 -16.00
N PRO D 80 9.41 -10.57 -14.75
CA PRO D 80 9.13 -9.47 -13.82
C PRO D 80 10.39 -8.68 -13.57
N ILE D 81 10.32 -7.37 -13.73
CA ILE D 81 11.47 -6.51 -13.55
C ILE D 81 12.04 -6.64 -12.14
N SER D 82 11.19 -6.91 -11.16
CA SER D 82 11.69 -7.12 -9.79
C SER D 82 12.65 -8.29 -9.62
N SER D 83 12.69 -9.24 -10.55
CA SER D 83 13.64 -10.34 -10.44
C SER D 83 14.95 -10.09 -11.21
N LEU D 84 15.09 -8.92 -11.83
CA LEU D 84 16.32 -8.53 -12.52
C LEU D 84 16.91 -7.34 -11.82
N TRP D 85 18.21 -7.16 -11.98
CA TRP D 85 18.81 -5.86 -11.71
C TRP D 85 18.17 -4.85 -12.62
N LYS D 86 17.84 -3.67 -12.09
CA LYS D 86 17.42 -2.56 -12.93
C LYS D 86 18.09 -1.26 -12.55
N PRO D 87 18.31 -0.36 -13.53
CA PRO D 87 18.87 0.93 -13.25
C PRO D 87 18.04 1.69 -12.22
N ASP D 88 18.72 2.35 -11.30
CA ASP D 88 18.09 3.12 -10.21
C ASP D 88 17.91 4.55 -10.67
N ILE D 89 17.27 4.72 -11.82
CA ILE D 89 17.18 6.02 -12.44
C ILE D 89 16.09 6.77 -11.74
N LEU D 90 16.31 8.05 -11.50
CA LEU D 90 15.41 8.88 -10.72
C LEU D 90 15.13 10.14 -11.55
N LEU D 91 13.92 10.65 -11.51
CA LEU D 91 13.60 11.98 -12.04
C LEU D 91 13.86 12.94 -10.93
N TYR D 92 14.89 13.78 -11.08
CA TYR D 92 15.34 14.69 -10.03
C TYR D 92 14.29 15.73 -9.61
N ASN D 93 13.41 16.08 -10.52
CA ASN D 93 12.43 17.17 -10.29
C ASN D 93 11.14 16.67 -9.56
N ALA D 94 11.03 15.35 -9.32
CA ALA D 94 9.79 14.73 -8.87
C ALA D 94 9.45 15.13 -7.46
N ILE D 95 8.18 15.42 -7.23
CA ILE D 95 7.72 15.80 -5.89
C ILE D 95 6.79 14.75 -5.28
N GLU D 96 6.53 13.66 -6.02
CA GLU D 96 5.79 12.49 -5.54
C GLU D 96 6.44 11.27 -6.20
N ARG D 97 6.18 10.09 -5.66
CA ARG D 97 6.64 8.86 -6.29
C ARG D 97 5.91 8.70 -7.62
N PRO D 98 6.47 7.92 -8.52
CA PRO D 98 5.76 7.67 -9.78
C PRO D 98 4.69 6.63 -9.63
N GLU D 99 3.63 6.70 -10.44
CA GLU D 99 2.62 5.66 -10.49
C GLU D 99 2.82 4.94 -11.82
N VAL D 100 3.17 3.67 -11.76
CA VAL D 100 3.47 2.90 -12.96
C VAL D 100 2.18 2.35 -13.53
N LEU D 101 1.89 2.72 -14.78
CA LEU D 101 0.64 2.33 -15.46
C LEU D 101 0.70 1.00 -16.19
N THR D 102 1.88 0.43 -16.35
CA THR D 102 2.09 -0.72 -17.21
C THR D 102 2.51 -1.92 -16.40
N PRO D 103 2.29 -3.12 -16.93
CA PRO D 103 2.82 -4.30 -16.29
C PRO D 103 4.32 -4.14 -16.05
N GLN D 104 4.77 -4.63 -14.91
CA GLN D 104 6.14 -4.45 -14.47
C GLN D 104 6.98 -5.61 -14.99
N LEU D 105 7.10 -5.63 -16.30
CA LEU D 105 7.71 -6.73 -17.01
C LEU D 105 8.77 -6.17 -17.94
N ALA D 106 9.81 -6.96 -18.14
CA ALA D 106 10.88 -6.65 -19.08
C ALA D 106 11.00 -7.76 -20.08
N LEU D 107 11.43 -7.41 -21.29
CA LEU D 107 11.81 -8.40 -22.30
C LEU D 107 13.31 -8.66 -22.23
N VAL D 108 13.72 -9.91 -22.32
CA VAL D 108 15.14 -10.26 -22.29
C VAL D 108 15.39 -11.22 -23.41
N ASN D 109 16.45 -10.98 -24.18
CA ASN D 109 16.80 -11.89 -25.30
C ASN D 109 17.99 -12.75 -24.88
N SER D 110 18.34 -13.66 -25.77
CA SER D 110 19.29 -14.72 -25.48
C SER D 110 20.68 -14.21 -25.15
N SER D 111 21.06 -13.04 -25.65
CA SER D 111 22.35 -12.44 -25.29
C SER D 111 22.19 -11.44 -24.13
N GLY D 112 21.20 -11.63 -23.29
CA GLY D 112 21.02 -10.84 -22.09
C GLY D 112 20.68 -9.38 -22.28
N HIS D 113 20.20 -8.98 -23.45
CA HIS D 113 19.74 -7.61 -23.61
C HIS D 113 18.30 -7.49 -23.04
N VAL D 114 18.11 -6.50 -22.18
CA VAL D 114 16.88 -6.27 -21.46
C VAL D 114 16.23 -5.01 -21.99
N GLN D 115 14.93 -5.07 -22.27
CA GLN D 115 14.12 -3.90 -22.58
C GLN D 115 13.09 -3.73 -21.45
N TYR D 116 13.04 -2.54 -20.89
CA TYR D 116 12.07 -2.20 -19.86
C TYR D 116 11.44 -0.86 -20.23
N LEU D 117 10.14 -0.84 -20.49
CA LEU D 117 9.48 0.32 -21.04
C LEU D 117 8.27 0.80 -20.23
N PRO D 118 8.49 1.19 -18.98
CA PRO D 118 7.36 1.60 -18.15
C PRO D 118 6.74 2.92 -18.56
N SER D 119 5.42 2.97 -18.53
CA SER D 119 4.70 4.25 -18.64
C SER D 119 4.37 4.70 -17.22
N ILE D 120 4.70 5.95 -16.89
CA ILE D 120 4.43 6.47 -15.55
C ILE D 120 3.61 7.77 -15.57
N ARG D 121 2.81 7.91 -14.53
CA ARG D 121 2.12 9.14 -14.22
C ARG D 121 2.98 9.70 -13.12
N GLN D 122 3.36 10.97 -13.28
CA GLN D 122 4.33 11.61 -12.45
C GLN D 122 4.07 13.10 -12.31
N ARG D 123 4.10 13.62 -11.08
CA ARG D 123 4.06 15.05 -10.85
C ARG D 123 5.44 15.57 -10.44
N PHE D 124 5.84 16.68 -11.04
CA PHE D 124 7.18 17.23 -10.79
C PHE D 124 7.15 18.72 -10.75
N SER D 125 8.22 19.28 -10.20
CA SER D 125 8.32 20.73 -9.94
C SER D 125 8.83 21.43 -11.19
N CYS D 126 8.20 22.55 -11.54
CA CYS D 126 8.63 23.36 -12.68
C CYS D 126 8.03 24.77 -12.58
N ASP D 127 8.84 25.77 -12.94
CA ASP D 127 8.33 27.13 -13.07
C ASP D 127 7.46 27.22 -14.31
N VAL D 128 6.17 27.31 -14.13
CA VAL D 128 5.22 27.30 -15.21
C VAL D 128 4.51 28.62 -15.37
N SER D 129 5.08 29.70 -14.81
CA SER D 129 4.44 31.02 -14.95
C SER D 129 4.24 31.48 -16.42
N GLY D 130 5.05 30.96 -17.35
CA GLY D 130 4.86 31.26 -18.76
C GLY D 130 3.74 30.52 -19.51
N VAL D 131 3.06 29.56 -18.87
CA VAL D 131 2.22 28.63 -19.61
C VAL D 131 1.09 29.25 -20.44
N ASP D 132 0.57 30.45 -20.07
CA ASP D 132 -0.42 31.13 -21.01
C ASP D 132 0.17 32.25 -21.82
N THR D 133 1.39 32.06 -22.28
CA THR D 133 2.03 32.99 -23.21
C THR D 133 2.31 32.25 -24.50
N GLU D 134 2.63 33.03 -25.53
CA GLU D 134 3.09 32.46 -26.80
C GLU D 134 4.38 31.60 -26.60
N SER D 135 5.31 32.08 -25.76
CA SER D 135 6.56 31.37 -25.44
C SER D 135 6.32 30.06 -24.72
N GLY D 136 5.30 30.05 -23.88
CA GLY D 136 4.93 28.87 -23.11
C GLY D 136 5.81 28.73 -21.88
N ALA D 137 5.73 27.56 -21.26
CA ALA D 137 6.60 27.18 -20.15
C ALA D 137 7.58 26.13 -20.65
N THR D 138 8.81 26.20 -20.15
CA THR D 138 9.90 25.30 -20.53
C THR D 138 10.38 24.62 -19.24
N CYS D 139 10.23 23.30 -19.14
CA CYS D 139 10.60 22.54 -17.97
C CYS D 139 11.73 21.58 -18.29
N LYS D 140 12.63 21.38 -17.33
CA LYS D 140 13.69 20.40 -17.43
C LYS D 140 13.28 19.14 -16.67
N LEU D 141 13.42 17.98 -17.32
CA LEU D 141 13.20 16.71 -16.68
C LEU D 141 14.54 16.02 -16.68
N LYS D 142 15.23 16.11 -15.56
CA LYS D 142 16.58 15.55 -15.45
C LYS D 142 16.49 14.13 -14.83
N PHE D 143 17.02 13.14 -15.56
CA PHE D 143 17.03 11.77 -15.13
C PHE D 143 18.44 11.27 -14.93
N GLY D 144 18.66 10.46 -13.90
CA GLY D 144 19.98 9.92 -13.58
C GLY D 144 19.95 8.86 -12.51
N SER D 145 21.01 8.06 -12.45
CA SER D 145 21.20 7.05 -11.42
C SER D 145 21.36 7.75 -10.10
N TRP D 146 20.74 7.18 -9.06
CA TRP D 146 20.88 7.72 -7.74
C TRP D 146 22.18 7.28 -7.08
N THR D 147 22.68 6.10 -7.38
CA THR D 147 23.82 5.54 -6.64
C THR D 147 25.04 5.12 -7.45
N HIS D 148 24.95 5.10 -8.79
CA HIS D 148 26.02 4.61 -9.63
C HIS D 148 26.63 5.71 -10.49
N HIS D 149 27.93 5.89 -10.38
CA HIS D 149 28.70 6.85 -11.22
C HIS D 149 28.98 6.32 -12.63
N SER D 150 29.58 7.14 -13.47
CA SER D 150 29.87 6.82 -14.89
C SER D 150 30.66 5.56 -15.17
N ARG D 151 31.58 5.19 -14.30
CA ARG D 151 32.36 3.97 -14.51
C ARG D 151 31.63 2.69 -14.17
N GLU D 152 30.49 2.78 -13.47
CA GLU D 152 29.60 1.65 -13.19
C GLU D 152 28.40 1.63 -14.13
N LEU D 153 27.77 2.77 -14.32
CA LEU D 153 26.52 2.86 -15.11
C LEU D 153 26.60 4.05 -16.08
N ASP D 154 26.71 3.72 -17.36
CA ASP D 154 26.97 4.70 -18.39
C ASP D 154 25.66 4.98 -19.01
N LEU D 155 25.04 6.09 -18.59
CA LEU D 155 23.75 6.47 -19.12
C LEU D 155 23.92 7.13 -20.50
N GLN D 156 23.20 6.63 -21.50
CA GLN D 156 23.27 7.10 -22.87
C GLN D 156 21.90 7.38 -23.43
N MET D 157 21.82 8.37 -24.27
CA MET D 157 20.61 8.94 -24.79
C MET D 157 20.21 8.13 -26.03
N GLN D 158 18.96 8.31 -26.47
CA GLN D 158 18.52 7.77 -27.78
C GLN D 158 17.41 8.65 -28.36
N GLU D 159 17.06 8.40 -29.63
CA GLU D 159 16.07 9.21 -30.35
C GLU D 159 14.66 9.20 -29.70
N ALA D 160 14.18 10.39 -29.34
CA ALA D 160 12.94 10.59 -28.55
C ALA D 160 11.66 10.73 -29.45
N ASP D 161 10.54 11.22 -28.89
CA ASP D 161 9.23 11.15 -29.56
C ASP D 161 8.20 12.25 -29.18
N ILE D 162 7.78 13.04 -30.19
CA ILE D 162 6.57 13.90 -30.12
C ILE D 162 5.31 13.12 -30.63
N SER D 163 5.48 11.99 -31.34
CA SER D 163 4.35 11.32 -32.05
C SER D 163 3.30 10.65 -31.16
N GLY D 164 3.67 10.36 -29.92
CA GLY D 164 2.73 9.83 -28.93
C GLY D 164 1.84 10.84 -28.23
N TYR D 165 2.09 12.13 -28.44
CA TYR D 165 1.36 13.16 -27.71
C TYR D 165 -0.14 13.13 -28.03
N ILE D 166 -0.94 13.13 -26.98
CA ILE D 166 -2.40 13.08 -27.14
C ILE D 166 -2.87 14.46 -27.63
N PRO D 167 -3.53 14.49 -28.80
CA PRO D 167 -3.88 15.78 -29.39
C PRO D 167 -4.99 16.58 -28.69
N TYR D 168 -5.79 15.96 -27.80
CA TYR D 168 -7.02 16.58 -27.28
C TYR D 168 -6.89 17.14 -25.86
N SER D 169 -5.68 17.08 -25.30
CA SER D 169 -5.40 17.70 -24.00
C SER D 169 -5.43 19.20 -24.16
N ARG D 170 -5.56 19.94 -23.07
CA ARG D 170 -5.69 21.40 -23.18
C ARG D 170 -4.33 22.15 -23.23
N PHE D 171 -3.23 21.38 -23.27
CA PHE D 171 -1.90 21.91 -23.53
C PHE D 171 -1.33 21.39 -24.83
N GLU D 172 -0.71 22.29 -25.61
CA GLU D 172 0.00 21.86 -26.81
C GLU D 172 1.49 21.83 -26.53
N LEU D 173 2.14 20.82 -27.07
CA LEU D 173 3.55 20.60 -26.92
C LEU D 173 4.22 21.39 -28.02
N VAL D 174 5.01 22.41 -27.67
CA VAL D 174 5.79 23.18 -28.65
C VAL D 174 7.01 22.37 -29.06
N GLY D 175 7.78 21.84 -28.12
CA GLY D 175 8.90 20.96 -28.47
C GLY D 175 9.58 20.27 -27.34
N VAL D 176 10.42 19.29 -27.70
CA VAL D 176 11.25 18.56 -26.74
C VAL D 176 12.65 18.42 -27.27
N THR D 177 13.64 18.84 -26.49
CA THR D 177 15.04 18.58 -26.82
C THR D 177 15.60 17.74 -25.71
N GLN D 178 16.77 17.16 -25.95
CA GLN D 178 17.42 16.31 -24.96
C GLN D 178 18.92 16.49 -24.95
N LYS D 179 19.56 16.25 -23.82
CA LYS D 179 20.98 16.52 -23.62
C LYS D 179 21.53 15.60 -22.53
N ARG D 180 22.70 15.02 -22.76
CA ARG D 180 23.40 14.21 -21.77
C ARG D 180 24.50 15.04 -21.15
N SER D 181 24.69 14.93 -19.85
CA SER D 181 25.78 15.63 -19.15
C SER D 181 26.51 14.72 -18.16
N GLU D 182 27.73 15.10 -17.81
CA GLU D 182 28.44 14.55 -16.67
C GLU D 182 28.62 15.71 -15.69
N ARG D 183 28.28 15.52 -14.43
CA ARG D 183 28.63 16.46 -13.37
C ARG D 183 29.40 15.75 -12.27
N PHE D 184 30.14 16.52 -11.49
CA PHE D 184 30.74 16.07 -10.25
C PHE D 184 29.95 16.61 -9.08
N TYR D 185 30.02 15.93 -7.94
CA TYR D 185 29.45 16.44 -6.70
C TYR D 185 30.51 16.40 -5.65
N GLU D 186 30.44 17.33 -4.69
CA GLU D 186 31.53 17.54 -3.73
C GLU D 186 31.94 16.27 -2.95
N CYS D 187 30.99 15.37 -2.70
CA CYS D 187 31.23 14.07 -2.06
C CYS D 187 32.28 13.21 -2.76
N CYS D 188 32.04 12.97 -4.04
CA CYS D 188 32.48 11.76 -4.72
C CYS D 188 33.51 12.07 -5.80
N LYS D 189 34.49 11.18 -5.97
CA LYS D 189 35.57 11.39 -6.94
C LYS D 189 35.14 11.30 -8.39
N GLU D 190 34.16 10.44 -8.66
CA GLU D 190 33.78 10.10 -10.04
C GLU D 190 32.54 10.92 -10.48
N PRO D 191 32.44 11.25 -11.78
CA PRO D 191 31.29 11.99 -12.28
C PRO D 191 30.02 11.10 -12.46
N TYR D 192 28.86 11.72 -12.30
CA TYR D 192 27.58 11.07 -12.51
C TYR D 192 26.95 11.62 -13.77
N PRO D 193 26.45 10.76 -14.64
CA PRO D 193 25.80 11.28 -15.84
C PRO D 193 24.32 11.47 -15.64
N ASP D 194 23.75 12.39 -16.39
CA ASP D 194 22.31 12.54 -16.48
C ASP D 194 21.88 12.75 -17.92
N VAL D 195 20.61 12.48 -18.17
CA VAL D 195 19.98 12.79 -19.42
C VAL D 195 18.83 13.69 -19.06
N THR D 196 18.81 14.89 -19.64
CA THR D 196 17.78 15.86 -19.36
C THR D 196 16.98 16.14 -20.61
N PHE D 197 15.65 16.15 -20.43
CA PHE D 197 14.70 16.51 -21.47
C PHE D 197 14.15 17.86 -21.15
N THR D 198 14.25 18.77 -22.10
CA THR D 198 13.70 20.11 -21.98
C THR D 198 12.40 20.07 -22.78
N VAL D 199 11.30 20.43 -22.14
CA VAL D 199 9.98 20.33 -22.73
C VAL D 199 9.32 21.68 -22.69
N THR D 200 8.86 22.16 -23.84
CA THR D 200 8.18 23.45 -23.90
C THR D 200 6.72 23.22 -24.27
N PHE D 201 5.80 23.86 -23.55
CA PHE D 201 4.38 23.68 -23.81
C PHE D 201 3.60 24.92 -23.40
N ARG D 202 2.37 24.99 -23.88
CA ARG D 202 1.50 26.10 -23.55
C ARG D 202 0.03 25.74 -23.59
N LYS D 203 -0.75 26.53 -22.86
CA LYS D 203 -2.21 26.36 -22.83
C LYS D 203 -2.79 26.69 -24.21
N LYS D 204 -3.72 25.88 -24.72
CA LYS D 204 -4.34 26.18 -26.03
C LYS D 204 -5.22 27.42 -26.08
N GLY D 205 -5.90 27.72 -24.97
CA GLY D 205 -6.85 28.84 -24.88
C GLY D 205 -6.34 30.19 -25.34
N GLY E 1 29.83 -7.68 -11.19
CA GLY E 1 31.19 -8.29 -11.02
C GLY E 1 31.11 -9.58 -10.23
N GLU E 2 32.08 -10.48 -10.46
CA GLU E 2 32.13 -11.79 -9.78
C GLU E 2 32.46 -11.68 -8.28
N PHE E 3 33.40 -10.78 -7.96
CA PHE E 3 33.71 -10.48 -6.58
C PHE E 3 32.54 -9.76 -5.87
N GLN E 4 31.83 -8.92 -6.59
CA GLN E 4 30.62 -8.26 -6.05
C GLN E 4 29.57 -9.29 -5.61
N ARG E 5 29.31 -10.28 -6.46
CA ARG E 5 28.34 -11.33 -6.16
C ARG E 5 28.73 -12.11 -4.93
N LYS E 6 30.00 -12.48 -4.79
CA LYS E 6 30.47 -13.21 -3.61
C LYS E 6 30.32 -12.33 -2.36
N LEU E 7 30.65 -11.04 -2.51
CA LEU E 7 30.49 -10.09 -1.42
C LEU E 7 29.05 -10.01 -0.89
N TYR E 8 28.07 -9.87 -1.78
CA TYR E 8 26.65 -9.88 -1.34
C TYR E 8 26.21 -11.18 -0.71
N LYS E 9 26.76 -12.30 -1.16
CA LYS E 9 26.35 -13.60 -0.65
C LYS E 9 26.68 -13.68 0.84
N GLU E 10 27.82 -13.10 1.23
CA GLU E 10 28.21 -13.02 2.66
C GLU E 10 27.26 -12.18 3.60
N LEU E 11 26.62 -11.12 3.10
CA LEU E 11 25.61 -10.38 3.89
C LEU E 11 24.48 -11.29 4.34
N VAL E 12 23.68 -11.78 3.38
CA VAL E 12 22.56 -12.69 3.67
C VAL E 12 22.95 -13.81 4.67
N LYS E 13 24.23 -14.25 4.66
CA LYS E 13 24.68 -15.33 5.55
C LYS E 13 24.59 -14.96 7.02
N ASN E 14 25.18 -13.83 7.43
CA ASN E 14 25.32 -13.62 8.87
C ASN E 14 24.52 -12.49 9.50
N TYR E 15 23.77 -11.74 8.72
CA TYR E 15 23.42 -10.39 9.09
C TYR E 15 21.96 -10.24 9.47
N ASN E 16 21.68 -9.53 10.55
CA ASN E 16 20.32 -9.27 10.99
C ASN E 16 20.11 -7.74 11.04
N PRO E 17 19.28 -7.21 10.13
CA PRO E 17 19.10 -5.75 10.07
C PRO E 17 18.29 -5.16 11.21
N ASP E 18 17.75 -5.99 12.07
CA ASP E 18 17.09 -5.49 13.27
C ASP E 18 18.07 -5.12 14.41
N VAL E 19 19.32 -5.55 14.35
CA VAL E 19 20.26 -5.37 15.46
C VAL E 19 21.21 -4.20 15.20
N ILE E 20 21.11 -3.19 16.06
CA ILE E 20 22.01 -2.04 15.99
C ILE E 20 23.45 -2.49 16.13
N PRO E 21 24.31 -2.07 15.21
CA PRO E 21 25.67 -2.64 15.18
C PRO E 21 26.67 -1.94 16.13
N THR E 22 26.31 -1.88 17.40
CA THR E 22 27.23 -1.45 18.46
C THR E 22 28.27 -2.54 18.66
N GLN E 23 29.37 -2.19 19.32
CA GLN E 23 30.36 -3.18 19.73
C GLN E 23 31.12 -2.67 20.95
N ARG E 24 31.39 -3.55 21.93
CA ARG E 24 32.17 -3.22 23.12
C ARG E 24 31.59 -1.99 23.87
N ASP E 25 30.29 -2.06 24.13
CA ASP E 25 29.43 -0.95 24.63
C ASP E 25 29.65 0.45 23.99
N ARG E 26 30.36 0.52 22.85
CA ARG E 26 30.58 1.76 22.11
C ARG E 26 29.31 2.06 21.32
N PRO E 27 28.88 3.33 21.28
CA PRO E 27 27.74 3.66 20.41
C PRO E 27 28.04 3.56 18.92
N VAL E 28 26.99 3.60 18.11
CA VAL E 28 27.10 3.77 16.69
C VAL E 28 26.90 5.24 16.49
N THR E 29 27.86 5.91 15.86
CA THR E 29 27.73 7.34 15.62
C THR E 29 27.01 7.53 14.31
N VAL E 30 25.93 8.28 14.31
CA VAL E 30 25.20 8.61 13.11
C VAL E 30 25.27 10.09 12.79
N TYR E 31 25.89 10.40 11.65
CA TYR E 31 26.00 11.77 11.18
C TYR E 31 24.75 12.12 10.41
N PHE E 32 24.19 13.29 10.68
CA PHE E 32 22.88 13.67 10.19
C PHE E 32 22.90 15.12 9.71
N SER E 33 22.46 15.36 8.48
CA SER E 33 22.24 16.71 7.97
C SER E 33 21.07 16.75 6.99
N LEU E 34 20.77 17.96 6.53
CA LEU E 34 19.54 18.19 5.82
C LEU E 34 19.75 19.27 4.80
N SER E 35 19.12 19.11 3.62
CA SER E 35 18.98 20.18 2.60
C SER E 35 17.49 20.36 2.27
N LEU E 36 16.99 21.58 2.42
CA LEU E 36 15.61 21.88 2.24
C LEU E 36 15.50 22.24 0.80
N LEU E 37 14.99 21.30 0.02
CA LEU E 37 14.89 21.46 -1.44
C LEU E 37 13.70 22.34 -1.79
N GLN E 38 12.59 22.20 -1.06
CA GLN E 38 11.40 22.97 -1.37
C GLN E 38 10.43 23.13 -0.24
N ILE E 39 9.80 24.30 -0.20
CA ILE E 39 8.57 24.50 0.56
C ILE E 39 7.46 24.48 -0.50
N MET E 40 6.65 23.41 -0.47
CA MET E 40 5.60 23.17 -1.45
C MET E 40 4.35 23.96 -1.12
N ASP E 41 4.01 23.99 0.17
CA ASP E 41 2.86 24.74 0.63
C ASP E 41 2.97 25.07 2.11
N VAL E 42 2.18 26.05 2.51
CA VAL E 42 2.00 26.38 3.91
C VAL E 42 0.50 26.53 4.10
N ASP E 43 -0.09 25.70 4.97
CA ASP E 43 -1.49 25.78 5.33
C ASP E 43 -1.68 26.61 6.61
N GLU E 44 -2.05 27.86 6.44
CA GLU E 44 -2.16 28.79 7.56
C GLU E 44 -3.27 28.44 8.55
N LYS E 45 -4.39 27.93 8.03
CA LYS E 45 -5.51 27.49 8.86
C LYS E 45 -5.16 26.29 9.77
N ASN E 46 -4.53 25.27 9.20
CA ASN E 46 -4.22 24.02 9.93
C ASN E 46 -2.82 23.95 10.54
N GLN E 47 -2.03 25.02 10.38
CA GLN E 47 -0.70 25.12 10.96
C GLN E 47 0.16 23.96 10.49
N VAL E 48 0.24 23.80 9.17
CA VAL E 48 0.99 22.73 8.54
C VAL E 48 1.91 23.25 7.42
N VAL E 49 3.10 22.69 7.34
CA VAL E 49 4.05 23.00 6.28
C VAL E 49 4.34 21.76 5.48
N ASP E 50 4.40 21.92 4.17
CA ASP E 50 4.65 20.84 3.24
C ASP E 50 6.00 21.07 2.58
N VAL E 51 6.96 20.18 2.83
CA VAL E 51 8.29 20.33 2.27
C VAL E 51 8.79 19.11 1.56
N VAL E 52 9.80 19.31 0.70
CA VAL E 52 10.69 18.25 0.28
C VAL E 52 12.03 18.52 0.96
N ILE E 53 12.52 17.53 1.70
CA ILE E 53 13.84 17.62 2.34
C ILE E 53 14.70 16.45 1.95
N TRP E 54 15.97 16.72 1.72
CA TRP E 54 16.95 15.71 1.43
C TRP E 54 17.77 15.47 2.67
N LEU E 55 17.63 14.29 3.27
CA LEU E 55 18.38 13.93 4.48
C LEU E 55 19.65 13.24 4.09
N GLN E 56 20.71 13.48 4.85
CA GLN E 56 21.98 12.78 4.65
C GLN E 56 22.33 12.12 5.97
N MET E 57 22.34 10.80 5.99
CA MET E 57 22.68 10.03 7.17
C MET E 57 23.87 9.16 6.84
N SER E 58 24.80 9.03 7.77
CA SER E 58 25.88 8.08 7.59
C SER E 58 26.35 7.55 8.93
N TRP E 59 26.76 6.30 8.91
CA TRP E 59 27.23 5.59 10.07
C TRP E 59 28.15 4.46 9.66
N THR E 60 28.91 3.92 10.60
CA THR E 60 29.71 2.74 10.38
C THR E 60 29.03 1.53 11.00
N ASP E 61 28.94 0.48 10.21
CA ASP E 61 28.41 -0.80 10.63
C ASP E 61 29.59 -1.76 10.53
N HIS E 62 30.18 -2.14 11.66
CA HIS E 62 31.36 -3.01 11.62
C HIS E 62 31.11 -4.36 10.96
N TYR E 63 29.87 -4.85 10.95
CA TYR E 63 29.54 -6.12 10.30
C TYR E 63 29.58 -6.05 8.80
N LEU E 64 29.59 -4.85 8.24
CA LEU E 64 29.62 -4.69 6.79
C LEU E 64 31.03 -4.51 6.21
N GLN E 65 32.09 -4.62 7.00
CA GLN E 65 33.41 -4.36 6.42
C GLN E 65 33.96 -5.63 5.78
N TRP E 66 34.84 -5.44 4.82
CA TRP E 66 35.54 -6.52 4.12
C TRP E 66 36.98 -6.15 3.78
N ASN E 67 37.77 -7.15 3.45
CA ASN E 67 39.18 -6.95 3.06
C ASN E 67 39.26 -6.60 1.59
N VAL E 68 39.69 -5.37 1.25
CA VAL E 68 39.72 -4.97 -0.18
C VAL E 68 40.63 -5.86 -1.05
N SER E 69 41.66 -6.46 -0.45
CA SER E 69 42.55 -7.41 -1.16
C SER E 69 41.89 -8.77 -1.44
N GLU E 70 40.86 -9.12 -0.68
CA GLU E 70 40.06 -10.35 -0.89
C GLU E 70 38.85 -10.16 -1.85
N TYR E 71 38.49 -8.91 -2.12
CA TYR E 71 37.46 -8.58 -3.10
C TYR E 71 37.99 -7.44 -3.97
N PRO E 72 39.04 -7.71 -4.74
CA PRO E 72 39.76 -6.66 -5.46
C PRO E 72 38.87 -5.96 -6.48
N GLY E 73 39.01 -4.64 -6.56
CA GLY E 73 38.18 -3.83 -7.43
C GLY E 73 36.95 -3.29 -6.70
N VAL E 74 36.47 -3.99 -5.66
CA VAL E 74 35.21 -3.63 -5.03
C VAL E 74 35.48 -2.62 -3.95
N LYS E 75 35.18 -1.36 -4.27
CA LYS E 75 35.40 -0.23 -3.37
C LYS E 75 34.14 0.23 -2.65
N GLN E 76 33.00 0.25 -3.34
CA GLN E 76 31.71 0.46 -2.68
C GLN E 76 30.58 -0.29 -3.36
N VAL E 77 29.56 -0.66 -2.60
CA VAL E 77 28.42 -1.38 -3.15
C VAL E 77 27.12 -0.66 -2.83
N SER E 78 26.19 -0.73 -3.77
CA SER E 78 24.88 -0.15 -3.67
C SER E 78 23.95 -1.24 -3.14
N VAL E 79 23.23 -0.99 -2.06
CA VAL E 79 22.56 -2.06 -1.30
C VAL E 79 21.19 -1.57 -0.88
N PRO E 80 20.15 -2.44 -0.95
CA PRO E 80 18.83 -1.99 -0.48
C PRO E 80 18.91 -1.69 1.00
N ILE E 81 18.44 -0.51 1.41
CA ILE E 81 18.48 -0.12 2.80
C ILE E 81 17.70 -1.10 3.68
N SER E 82 16.66 -1.71 3.13
CA SER E 82 15.91 -2.72 3.89
C SER E 82 16.74 -3.96 4.32
N SER E 83 17.88 -4.22 3.70
CA SER E 83 18.69 -5.34 4.15
C SER E 83 19.80 -4.93 5.15
N LEU E 84 19.85 -3.65 5.52
CA LEU E 84 20.80 -3.16 6.51
C LEU E 84 20.02 -2.66 7.70
N TRP E 85 20.68 -2.67 8.86
CA TRP E 85 20.22 -1.87 9.98
C TRP E 85 20.23 -0.41 9.54
N LYS E 86 19.19 0.33 9.89
CA LYS E 86 19.19 1.77 9.73
C LYS E 86 18.69 2.50 10.96
N PRO E 87 19.20 3.72 11.19
CA PRO E 87 18.73 4.52 12.29
C PRO E 87 17.24 4.75 12.26
N ASP E 88 16.59 4.66 13.41
CA ASP E 88 15.15 4.83 13.54
C ASP E 88 14.83 6.29 13.82
N ILE E 89 15.32 7.15 12.96
CA ILE E 89 15.26 8.58 13.19
C ILE E 89 13.87 9.01 12.81
N LEU E 90 13.29 9.89 13.60
CA LEU E 90 11.93 10.35 13.42
C LEU E 90 11.94 11.88 13.40
N LEU E 91 11.12 12.50 12.55
CA LEU E 91 10.85 13.91 12.63
C LEU E 91 9.74 14.09 13.61
N TYR E 92 10.04 14.70 14.76
CA TYR E 92 9.07 14.83 15.86
C TYR E 92 7.81 15.62 15.52
N ASN E 93 7.94 16.55 14.58
CA ASN E 93 6.87 17.50 14.22
C ASN E 93 5.87 16.92 13.18
N ALA E 94 6.15 15.72 12.65
CA ALA E 94 5.45 15.18 11.47
C ALA E 94 4.04 14.82 11.80
N ILE E 95 3.12 15.16 10.92
CA ILE E 95 1.71 14.82 11.13
C ILE E 95 1.19 13.81 10.12
N GLU E 96 2.06 13.37 9.20
CA GLU E 96 1.79 12.29 8.24
C GLU E 96 3.07 11.53 8.06
N ARG E 97 2.98 10.33 7.51
CA ARG E 97 4.17 9.54 7.20
C ARG E 97 4.93 10.27 6.09
N PRO E 98 6.23 10.01 5.99
CA PRO E 98 6.99 10.60 4.89
C PRO E 98 6.76 9.81 3.59
N GLU E 99 6.87 10.48 2.45
CA GLU E 99 6.88 9.82 1.16
C GLU E 99 8.32 9.90 0.64
N VAL E 100 8.97 8.75 0.48
CA VAL E 100 10.36 8.73 0.02
C VAL E 100 10.39 8.81 -1.49
N LEU E 101 11.05 9.83 -2.02
CA LEU E 101 11.11 10.10 -3.47
C LEU E 101 12.25 9.42 -4.20
N THR E 102 13.19 8.83 -3.48
CA THR E 102 14.44 8.33 -4.05
C THR E 102 14.52 6.83 -3.91
N PRO E 103 15.32 6.17 -4.76
CA PRO E 103 15.55 4.77 -4.57
C PRO E 103 16.02 4.48 -3.16
N GLN E 104 15.54 3.36 -2.61
CA GLN E 104 15.78 3.02 -1.22
C GLN E 104 17.05 2.18 -1.17
N LEU E 105 18.15 2.85 -1.49
CA LEU E 105 19.45 2.23 -1.59
C LEU E 105 20.42 3.03 -0.73
N ALA E 106 21.41 2.31 -0.20
CA ALA E 106 22.51 2.90 0.52
C ALA E 106 23.81 2.54 -0.17
N LEU E 107 24.81 3.42 -0.03
CA LEU E 107 26.18 3.10 -0.44
C LEU E 107 26.95 2.59 0.76
N VAL E 108 27.75 1.55 0.59
CA VAL E 108 28.57 1.01 1.66
C VAL E 108 29.96 0.83 1.13
N ASN E 109 30.96 1.27 1.89
CA ASN E 109 32.37 1.12 1.46
C ASN E 109 33.00 -0.02 2.25
N SER E 110 34.25 -0.32 1.92
CA SER E 110 34.94 -1.49 2.40
C SER E 110 35.15 -1.52 3.90
N SER E 111 35.21 -0.36 4.56
CA SER E 111 35.30 -0.31 6.02
C SER E 111 33.91 -0.13 6.64
N GLY E 112 32.85 -0.59 5.96
CA GLY E 112 31.53 -0.64 6.52
C GLY E 112 30.86 0.70 6.77
N HIS E 113 31.35 1.78 6.15
CA HIS E 113 30.68 3.04 6.28
C HIS E 113 29.50 3.09 5.28
N VAL E 114 28.33 3.45 5.80
CA VAL E 114 27.07 3.44 5.06
C VAL E 114 26.66 4.88 4.84
N GLN E 115 26.26 5.22 3.61
CA GLN E 115 25.62 6.48 3.30
C GLN E 115 24.20 6.19 2.84
N TYR E 116 23.24 6.83 3.48
CA TYR E 116 21.84 6.72 3.11
C TYR E 116 21.27 8.13 2.99
N LEU E 117 20.83 8.51 1.79
CA LEU E 117 20.50 9.89 1.50
C LEU E 117 19.10 10.07 0.93
N PRO E 118 18.07 9.67 1.66
CA PRO E 118 16.71 9.78 1.13
C PRO E 118 16.22 11.20 0.98
N SER E 119 15.55 11.47 -0.14
CA SER E 119 14.77 12.69 -0.29
C SER E 119 13.31 12.38 0.06
N ILE E 120 12.71 13.15 0.95
CA ILE E 120 11.35 12.91 1.38
C ILE E 120 10.43 14.12 1.22
N ARG E 121 9.17 13.82 0.94
CA ARG E 121 8.11 14.77 0.90
C ARG E 121 7.41 14.50 2.21
N GLN E 122 7.22 15.57 3.00
CA GLN E 122 6.80 15.45 4.37
C GLN E 122 5.96 16.66 4.79
N ARG E 123 4.81 16.42 5.42
CA ARG E 123 4.04 17.50 6.04
C ARG E 123 4.19 17.46 7.56
N PHE E 124 4.40 18.64 8.14
CA PHE E 124 4.63 18.73 9.59
C PHE E 124 3.99 19.93 10.18
N SER E 125 3.84 19.90 11.50
CA SER E 125 3.13 20.94 12.25
C SER E 125 4.08 22.08 12.56
N CYS E 126 3.61 23.30 12.36
CA CYS E 126 4.38 24.50 12.71
C CYS E 126 3.46 25.72 12.82
N ASP E 127 3.73 26.58 13.80
CA ASP E 127 3.07 27.87 13.87
C ASP E 127 3.55 28.77 12.75
N VAL E 128 2.70 28.97 11.75
CA VAL E 128 3.09 29.71 10.57
C VAL E 128 2.38 31.04 10.45
N SER E 129 1.82 31.53 11.54
CA SER E 129 1.07 32.80 11.49
C SER E 129 1.93 34.00 11.04
N GLY E 130 3.25 33.93 11.22
CA GLY E 130 4.14 34.98 10.71
C GLY E 130 4.47 34.98 9.23
N VAL E 131 4.02 33.98 8.47
CA VAL E 131 4.54 33.76 7.11
C VAL E 131 4.37 34.95 6.14
N ASP E 132 3.38 35.84 6.31
CA ASP E 132 3.26 37.07 5.53
C ASP E 132 3.83 38.33 6.15
N THR E 133 4.88 38.18 6.95
CA THR E 133 5.55 39.31 7.57
C THR E 133 6.98 39.35 7.08
N GLU E 134 7.64 40.47 7.32
CA GLU E 134 9.07 40.59 7.05
C GLU E 134 9.88 39.54 7.85
N SER E 135 9.51 39.33 9.11
CA SER E 135 10.15 38.33 10.00
C SER E 135 9.97 36.92 9.52
N GLY E 136 8.82 36.64 8.91
CA GLY E 136 8.51 35.32 8.37
C GLY E 136 8.04 34.40 9.48
N ALA E 137 7.97 33.11 9.15
CA ALA E 137 7.69 32.06 10.12
C ALA E 137 8.96 31.27 10.34
N THR E 138 9.15 30.83 11.58
CA THR E 138 10.32 30.09 12.01
C THR E 138 9.82 28.75 12.57
N CYS E 139 10.20 27.64 11.94
CA CYS E 139 9.79 26.31 12.33
C CYS E 139 10.99 25.51 12.82
N LYS E 140 10.77 24.66 13.82
CA LYS E 140 11.75 23.70 14.28
C LYS E 140 11.46 22.34 13.67
N LEU E 141 12.48 21.70 13.11
CA LEU E 141 12.39 20.36 12.62
C LEU E 141 13.31 19.55 13.47
N LYS E 142 12.75 18.90 14.49
CA LYS E 142 13.55 18.12 15.45
C LYS E 142 13.60 16.66 15.03
N PHE E 143 14.81 16.15 14.84
CA PHE E 143 15.03 14.77 14.45
C PHE E 143 15.77 14.00 15.54
N GLY E 144 15.38 12.75 15.75
CA GLY E 144 15.99 11.91 16.78
C GLY E 144 15.57 10.45 16.69
N SER E 145 16.35 9.58 17.29
CA SER E 145 16.05 8.16 17.38
C SER E 145 14.81 8.00 18.24
N TRP E 146 13.94 7.09 17.83
CA TRP E 146 12.74 6.79 18.59
C TRP E 146 13.03 5.85 19.74
N THR E 147 13.99 4.94 19.61
CA THR E 147 14.19 3.89 20.61
C THR E 147 15.59 3.77 21.22
N HIS E 148 16.58 4.48 20.68
CA HIS E 148 17.98 4.33 21.11
C HIS E 148 18.49 5.60 21.79
N HIS E 149 18.99 5.45 23.02
CA HIS E 149 19.66 6.52 23.75
C HIS E 149 21.11 6.74 23.29
N SER E 150 21.76 7.78 23.84
CA SER E 150 23.14 8.18 23.47
C SER E 150 24.22 7.13 23.56
N ARG E 151 24.12 6.19 24.47
CA ARG E 151 25.15 5.15 24.60
C ARG E 151 25.01 4.04 23.56
N GLU E 152 23.87 3.96 22.87
CA GLU E 152 23.65 3.05 21.74
C GLU E 152 23.81 3.77 20.40
N LEU E 153 23.18 4.92 20.25
CA LEU E 153 23.16 5.66 18.99
C LEU E 153 23.48 7.16 19.23
N ASP E 154 24.66 7.56 18.78
CA ASP E 154 25.20 8.87 19.06
C ASP E 154 24.93 9.70 17.84
N LEU E 155 23.87 10.47 17.87
CA LEU E 155 23.47 11.33 16.78
C LEU E 155 24.36 12.59 16.75
N GLN E 156 25.00 12.86 15.61
CA GLN E 156 25.91 13.98 15.42
C GLN E 156 25.55 14.76 14.18
N MET E 157 25.82 16.04 14.22
CA MET E 157 25.41 17.00 13.21
C MET E 157 26.47 17.05 12.12
N GLN E 158 26.14 17.65 10.99
CA GLN E 158 27.14 17.98 9.94
C GLN E 158 26.72 19.24 9.15
N GLU E 159 27.60 19.73 8.28
CA GLU E 159 27.38 20.94 7.49
C GLU E 159 26.14 20.84 6.56
N ALA E 160 25.17 21.76 6.76
CA ALA E 160 23.88 21.78 6.03
C ALA E 160 23.91 22.59 4.70
N ASP E 161 22.74 22.91 4.13
CA ASP E 161 22.65 23.44 2.75
C ASP E 161 21.40 24.34 2.45
N ILE E 162 21.66 25.59 2.05
CA ILE E 162 20.64 26.47 1.40
C ILE E 162 20.74 26.34 -0.17
N SER E 163 21.82 25.75 -0.71
CA SER E 163 22.09 25.78 -2.17
C SER E 163 21.15 24.95 -3.04
N GLY E 164 20.48 23.96 -2.43
CA GLY E 164 19.48 23.17 -3.13
C GLY E 164 18.09 23.80 -3.24
N TYR E 165 17.87 24.94 -2.59
CA TYR E 165 16.53 25.52 -2.54
C TYR E 165 16.06 25.94 -3.94
N ILE E 166 14.84 25.52 -4.28
CA ILE E 166 14.28 25.83 -5.59
C ILE E 166 13.87 27.31 -5.60
N PRO E 167 14.43 28.08 -6.53
CA PRO E 167 14.17 29.51 -6.52
C PRO E 167 12.75 29.98 -6.90
N TYR E 168 11.93 29.13 -7.53
CA TYR E 168 10.66 29.57 -8.17
C TYR E 168 9.42 29.22 -7.36
N SER E 169 9.61 28.65 -6.17
CA SER E 169 8.50 28.40 -5.24
C SER E 169 8.01 29.74 -4.70
N ARG E 170 6.81 29.78 -4.14
CA ARG E 170 6.25 31.07 -3.72
C ARG E 170 6.66 31.49 -2.28
N PHE E 171 7.54 30.69 -1.67
CA PHE E 171 8.17 31.03 -0.40
C PHE E 171 9.67 31.20 -0.54
N GLU E 172 10.22 32.24 0.08
CA GLU E 172 11.66 32.42 0.09
C GLU E 172 12.21 32.00 1.44
N LEU E 173 13.36 31.34 1.40
CA LEU E 173 14.01 30.82 2.57
C LEU E 173 14.86 31.96 3.12
N VAL E 174 14.57 32.44 4.32
CA VAL E 174 15.40 33.47 4.97
C VAL E 174 16.65 32.84 5.54
N GLY E 175 16.52 31.75 6.30
CA GLY E 175 17.71 31.05 6.79
C GLY E 175 17.44 29.73 7.49
N VAL E 176 18.54 28.97 7.67
CA VAL E 176 18.49 27.70 8.39
C VAL E 176 19.63 27.62 9.37
N THR E 177 19.34 27.34 10.63
CA THR E 177 20.40 27.03 11.60
C THR E 177 20.13 25.62 12.08
N GLN E 178 21.10 25.05 12.76
CA GLN E 178 20.99 23.71 13.30
C GLN E 178 21.68 23.60 14.66
N LYS E 179 21.19 22.69 15.50
CA LYS E 179 21.63 22.56 16.87
C LYS E 179 21.43 21.12 17.33
N ARG E 180 22.42 20.57 18.02
CA ARG E 180 22.34 19.24 18.61
C ARG E 180 22.08 19.41 20.09
N SER E 181 21.22 18.57 20.65
CA SER E 181 20.97 18.56 22.10
C SER E 181 21.00 17.13 22.66
N GLU E 182 21.24 17.03 23.97
CA GLU E 182 20.92 15.83 24.74
C GLU E 182 19.82 16.27 25.71
N ARG E 183 18.75 15.49 25.76
CA ARG E 183 17.70 15.69 26.77
C ARG E 183 17.50 14.38 27.50
N PHE E 184 17.02 14.49 28.73
CA PHE E 184 16.55 13.37 29.50
C PHE E 184 15.02 13.39 29.49
N TYR E 185 14.43 12.22 29.69
CA TYR E 185 12.98 12.15 29.90
C TYR E 185 12.74 11.39 31.18
N GLU E 186 11.63 11.68 31.83
CA GLU E 186 11.37 11.19 33.20
C GLU E 186 11.48 9.65 33.33
N CYS E 187 11.13 8.92 32.25
CA CYS E 187 11.25 7.45 32.20
C CYS E 187 12.66 6.93 32.46
N CYS E 188 13.60 7.44 31.69
CA CYS E 188 14.80 6.71 31.31
C CYS E 188 16.06 7.34 31.90
N LYS E 189 17.01 6.50 32.30
CA LYS E 189 18.25 6.97 32.94
C LYS E 189 19.17 7.70 31.99
N GLU E 190 19.19 7.27 30.73
CA GLU E 190 20.16 7.74 29.75
C GLU E 190 19.57 8.85 28.87
N PRO E 191 20.41 9.80 28.42
CA PRO E 191 19.92 10.90 27.57
C PRO E 191 19.71 10.49 26.11
N TYR E 192 18.76 11.12 25.43
CA TYR E 192 18.51 10.92 24.00
C TYR E 192 18.96 12.16 23.27
N PRO E 193 19.77 12.01 22.23
CA PRO E 193 20.16 13.18 21.47
C PRO E 193 19.19 13.50 20.35
N ASP E 194 19.10 14.78 20.00
CA ASP E 194 18.39 15.20 18.80
C ASP E 194 19.20 16.23 18.03
N VAL E 195 18.86 16.36 16.77
CA VAL E 195 19.41 17.39 15.93
C VAL E 195 18.20 18.14 15.43
N THR E 196 18.16 19.43 15.68
CA THR E 196 17.06 20.26 15.28
C THR E 196 17.51 21.31 14.29
N PHE E 197 16.73 21.46 13.22
CA PHE E 197 16.92 22.49 12.22
C PHE E 197 15.86 23.53 12.40
N THR E 198 16.28 24.77 12.54
CA THR E 198 15.39 25.91 12.66
C THR E 198 15.38 26.55 11.29
N VAL E 199 14.20 26.71 10.70
CA VAL E 199 14.05 27.18 9.34
C VAL E 199 13.14 28.38 9.33
N THR E 200 13.60 29.48 8.74
CA THR E 200 12.79 30.69 8.68
C THR E 200 12.47 30.97 7.22
N PHE E 201 11.20 31.26 6.93
CA PHE E 201 10.77 31.51 5.56
C PHE E 201 9.58 32.45 5.54
N ARG E 202 9.31 33.00 4.37
CA ARG E 202 8.20 33.90 4.19
C ARG E 202 7.65 33.88 2.77
N LYS E 203 6.38 34.27 2.66
CA LYS E 203 5.72 34.36 1.37
C LYS E 203 6.35 35.48 0.54
N LYS E 204 6.61 35.26 -0.75
CA LYS E 204 7.20 36.33 -1.57
C LYS E 204 6.29 37.53 -1.84
N GLY E 205 4.98 37.28 -1.94
CA GLY E 205 3.98 38.32 -2.29
C GLY E 205 4.27 39.00 -3.63
#